data_7BRE
#
_entry.id   7BRE
#
_cell.length_a   79.075
_cell.length_b   66.195
_cell.length_c   83.734
_cell.angle_alpha   90.000
_cell.angle_beta   93.230
_cell.angle_gamma   90.000
#
_symmetry.space_group_name_H-M   'P 1 21 1'
#
loop_
_entity.id
_entity.type
_entity.pdbx_description
1 polymer 'Set1/Ash2 histone methyltransferase complex subunit ASH2'
2 polymer 'Histone-lysine N-methyltransferase 2B'
3 polymer 'Retinoblastoma-binding protein 5'
4 non-polymer 'ZINC ION'
5 non-polymer S-ADENOSYL-L-HOMOCYSTEINE
#
loop_
_entity_poly.entity_id
_entity_poly.type
_entity_poly.pdbx_seq_one_letter_code
_entity_poly.pdbx_strand_id
1 'polypeptide(L)'
;SRVLLALHDRAPQLKISDDRLTVVGEKGYSMVRASHGVRKGAWYFEITVDEMPPDTAARLGWSQPLGNLQAPLGYDKFSY
SWRSKKGTKFHQSIGKHYSSGYGQGDVLGFYINLPEDTISGRGSSEIIFYKNGVNQGVAYKDIFEGVYFPAISLYKSCTV
SINFGPCFKYPPKDLTYRPMSDMG
;
A,D
2 'polypeptide(L)'
;STRRATSLELPMAMRFRHLKKTSKEAVGVYRSAIHGRGLFCKRNIDAGEMVIEYSGIVIRSVLTDKREKFYDGKGIGCYM
FRMDDFDVVDATMHGNAARFINHSCEPNCFSRVIHVEGQKHIVIFALRRILRGEELTYDYKFPIEDASNKLPCNCGAKRC
RRFLN
;
B,E
3 'polypeptide(L)' SAFAPDFKELDENVEYEERESEFDIED C,F
#
# COMPACT_ATOMS: atom_id res chain seq x y z
N SER A 1 26.71 15.87 2.22
CA SER A 1 25.66 14.87 2.01
C SER A 1 26.24 13.52 1.61
N ARG A 2 25.77 12.47 2.28
CA ARG A 2 26.19 11.12 1.93
C ARG A 2 25.69 10.74 0.56
N VAL A 3 26.53 10.08 -0.23
CA VAL A 3 26.12 9.54 -1.51
C VAL A 3 25.48 8.18 -1.24
N LEU A 4 24.18 8.09 -1.50
CA LEU A 4 23.41 6.90 -1.23
C LEU A 4 22.54 6.62 -2.44
N LEU A 5 21.66 5.64 -2.32
CA LEU A 5 20.56 5.52 -3.27
C LEU A 5 19.55 6.62 -3.02
N ALA A 6 18.91 7.07 -4.10
CA ALA A 6 18.06 8.26 -4.01
C ALA A 6 16.82 7.98 -3.17
N LEU A 7 16.29 9.05 -2.57
CA LEU A 7 15.06 8.94 -1.78
C LEU A 7 13.84 8.83 -2.68
N HIS A 8 13.81 9.60 -3.78
CA HIS A 8 12.66 9.62 -4.66
C HIS A 8 12.97 9.33 -6.12
N ASP A 9 14.24 9.39 -6.54
CA ASP A 9 14.62 9.02 -7.90
C ASP A 9 14.72 7.50 -7.99
N ARG A 10 13.56 6.86 -7.83
CA ARG A 10 13.49 5.42 -7.65
C ARG A 10 12.13 4.92 -8.08
N ALA A 11 12.09 3.72 -8.65
CA ALA A 11 10.82 3.06 -8.92
C ALA A 11 10.22 2.59 -7.61
N PRO A 12 8.96 2.90 -7.33
CA PRO A 12 8.43 2.67 -5.96
C PRO A 12 8.34 1.20 -5.59
N GLN A 13 8.22 0.30 -6.56
CA GLN A 13 8.09 -1.13 -6.25
C GLN A 13 9.38 -1.71 -5.69
N LEU A 14 10.53 -1.12 -6.00
CA LEU A 14 11.80 -1.61 -5.48
C LEU A 14 11.85 -1.46 -3.97
N LYS A 15 12.34 -2.50 -3.29
CA LYS A 15 12.51 -2.47 -1.84
C LYS A 15 13.91 -1.95 -1.52
N ILE A 16 13.99 -0.80 -0.87
CA ILE A 16 15.25 -0.19 -0.47
C ILE A 16 15.42 -0.36 1.02
N SER A 17 16.63 -0.71 1.46
CA SER A 17 16.91 -0.89 2.87
C SER A 17 17.06 0.46 3.55
N ASP A 18 16.97 0.44 4.89
CA ASP A 18 16.93 1.66 5.67
C ASP A 18 18.13 2.56 5.39
N ASP A 19 19.33 1.98 5.30
CA ASP A 19 20.52 2.78 5.02
C ASP A 19 20.70 3.08 3.54
N ARG A 20 19.77 2.64 2.69
CA ARG A 20 19.74 3.00 1.27
C ARG A 20 21.04 2.64 0.56
N LEU A 21 21.56 1.45 0.87
CA LEU A 21 22.67 0.85 0.15
C LEU A 21 22.30 -0.51 -0.42
N THR A 22 21.05 -0.94 -0.25
CA THR A 22 20.59 -2.26 -0.64
C THR A 22 19.23 -2.11 -1.32
N VAL A 23 19.00 -2.93 -2.35
CA VAL A 23 17.74 -2.87 -3.07
C VAL A 23 17.34 -4.29 -3.50
N VAL A 24 16.08 -4.62 -3.30
CA VAL A 24 15.51 -5.90 -3.77
C VAL A 24 14.60 -5.55 -4.94
N GLY A 25 14.66 -6.31 -6.01
CA GLY A 25 13.82 -6.00 -7.18
C GLY A 25 12.41 -6.52 -7.04
N GLU A 26 11.44 -5.91 -7.69
CA GLU A 26 10.08 -6.45 -7.62
C GLU A 26 9.59 -6.66 -9.05
N LYS A 27 9.22 -7.89 -9.38
CA LYS A 27 8.62 -8.22 -10.68
C LYS A 27 9.45 -7.78 -11.88
N GLY A 28 8.85 -7.07 -12.80
CA GLY A 28 9.52 -6.62 -14.03
C GLY A 28 10.58 -5.57 -13.80
N TYR A 29 11.45 -5.37 -14.77
CA TYR A 29 12.60 -4.45 -14.64
C TYR A 29 12.15 -3.05 -14.26
N SER A 30 12.82 -2.52 -13.23
CA SER A 30 12.64 -1.19 -12.62
C SER A 30 14.02 -0.74 -12.14
N MET A 31 14.24 0.57 -12.02
CA MET A 31 15.55 1.16 -11.84
C MET A 31 15.56 2.11 -10.65
N VAL A 32 16.74 2.23 -10.02
CA VAL A 32 16.98 3.25 -9.01
C VAL A 32 18.31 3.91 -9.32
N ARG A 33 18.33 5.24 -9.25
CA ARG A 33 19.54 6.03 -9.45
C ARG A 33 20.10 6.46 -8.09
N ALA A 34 21.40 6.75 -8.09
CA ALA A 34 22.04 7.24 -6.88
C ALA A 34 21.63 8.70 -6.62
N SER A 35 22.09 9.23 -5.48
CA SER A 35 21.74 10.59 -5.11
C SER A 35 22.63 11.63 -5.78
N HIS A 36 23.76 11.23 -6.36
CA HIS A 36 24.69 12.17 -6.99
C HIS A 36 25.13 11.64 -8.34
N GLY A 37 25.45 12.57 -9.24
CA GLY A 37 25.93 12.22 -10.57
C GLY A 37 27.14 13.07 -10.93
N VAL A 38 27.89 12.59 -11.91
CA VAL A 38 29.11 13.27 -12.33
C VAL A 38 29.01 13.63 -13.80
N ARG A 39 29.74 14.69 -14.17
CA ARG A 39 29.79 15.17 -15.54
C ARG A 39 31.22 15.34 -16.07
N LYS A 40 32.22 15.45 -15.20
CA LYS A 40 33.61 15.56 -15.62
C LYS A 40 34.50 14.74 -14.70
N GLY A 41 35.45 14.00 -15.26
CA GLY A 41 36.43 13.25 -14.51
C GLY A 41 36.21 11.75 -14.61
N ALA A 42 37.05 11.01 -13.87
CA ALA A 42 36.97 9.56 -13.77
C ALA A 42 36.40 9.18 -12.40
N TRP A 43 35.41 8.31 -12.39
CA TRP A 43 34.69 8.00 -11.18
C TRP A 43 34.39 6.50 -11.11
N TYR A 44 34.09 6.03 -9.90
CA TYR A 44 34.03 4.59 -9.65
C TYR A 44 33.04 4.27 -8.54
N PHE A 45 32.49 3.06 -8.61
CA PHE A 45 31.73 2.47 -7.51
C PHE A 45 31.66 0.97 -7.75
N GLU A 46 31.29 0.25 -6.70
CA GLU A 46 31.20 -1.21 -6.75
C GLU A 46 29.81 -1.68 -6.34
N ILE A 47 29.38 -2.78 -6.96
CA ILE A 47 28.11 -3.44 -6.65
C ILE A 47 28.40 -4.89 -6.28
N THR A 48 27.82 -5.35 -5.19
CA THR A 48 27.89 -6.75 -4.77
C THR A 48 26.52 -7.38 -4.99
N VAL A 49 26.51 -8.54 -5.64
CA VAL A 49 25.28 -9.30 -5.83
C VAL A 49 25.07 -10.12 -4.55
N ASP A 50 24.18 -9.67 -3.67
CA ASP A 50 23.94 -10.36 -2.41
C ASP A 50 23.32 -11.73 -2.66
N GLU A 51 22.18 -11.76 -3.36
CA GLU A 51 21.53 -13.01 -3.72
C GLU A 51 20.91 -12.88 -5.09
N MET A 52 21.12 -13.89 -5.93
CA MET A 52 20.59 -13.93 -7.29
C MET A 52 19.89 -15.28 -7.48
N PRO A 53 18.63 -15.39 -7.08
CA PRO A 53 17.89 -16.64 -7.27
C PRO A 53 17.73 -16.97 -8.74
N PRO A 54 17.30 -18.19 -9.07
CA PRO A 54 17.07 -18.54 -10.47
C PRO A 54 16.00 -17.64 -11.09
N ASP A 55 16.21 -17.29 -12.37
CA ASP A 55 15.28 -16.48 -13.16
C ASP A 55 15.14 -15.06 -12.65
N THR A 56 16.14 -14.55 -11.93
CA THR A 56 16.26 -13.14 -11.62
C THR A 56 17.49 -12.60 -12.33
N ALA A 57 17.53 -11.30 -12.53
CA ALA A 57 18.58 -10.72 -13.35
C ALA A 57 18.77 -9.25 -12.99
N ALA A 58 19.90 -8.71 -13.42
CA ALA A 58 20.24 -7.32 -13.14
C ALA A 58 20.90 -6.71 -14.37
N ARG A 59 20.65 -5.43 -14.57
CA ARG A 59 21.38 -4.63 -15.55
C ARG A 59 21.90 -3.40 -14.81
N LEU A 60 23.22 -3.34 -14.63
CA LEU A 60 23.85 -2.33 -13.81
C LEU A 60 24.75 -1.44 -14.67
N GLY A 61 24.88 -0.18 -14.28
CA GLY A 61 25.69 0.76 -15.02
C GLY A 61 25.47 2.22 -14.69
N TRP A 62 25.43 3.07 -15.72
CA TRP A 62 25.37 4.52 -15.57
C TRP A 62 24.15 5.05 -16.29
N SER A 63 23.42 5.96 -15.65
CA SER A 63 22.22 6.53 -16.21
C SER A 63 22.24 8.05 -16.08
N GLN A 64 21.51 8.70 -16.97
CA GLN A 64 21.17 10.11 -16.97
C GLN A 64 19.83 10.31 -16.27
N PRO A 65 19.58 11.50 -15.70
CA PRO A 65 18.34 11.70 -14.94
C PRO A 65 17.07 11.41 -15.72
N LEU A 66 17.08 11.62 -17.03
CA LEU A 66 15.91 11.39 -17.87
C LEU A 66 15.69 9.92 -18.21
N GLY A 67 16.51 9.01 -17.67
CA GLY A 67 16.31 7.61 -17.95
C GLY A 67 15.05 7.07 -17.31
N ASN A 68 14.39 6.15 -18.01
CA ASN A 68 13.12 5.61 -17.57
C ASN A 68 13.30 4.76 -16.31
N LEU A 69 12.61 5.13 -15.24
CA LEU A 69 12.66 4.35 -14.00
C LEU A 69 11.82 3.08 -14.08
N GLN A 70 10.88 3.00 -15.03
CA GLN A 70 10.00 1.86 -15.16
C GLN A 70 10.41 0.94 -16.31
N ALA A 71 11.68 0.98 -16.69
CA ALA A 71 12.24 0.11 -17.73
C ALA A 71 13.63 -0.31 -17.28
N PRO A 72 14.22 -1.33 -17.88
CA PRO A 72 15.57 -1.73 -17.49
C PRO A 72 16.60 -0.68 -17.88
N LEU A 73 17.72 -0.69 -17.16
CA LEU A 73 18.83 0.17 -17.51
C LEU A 73 19.32 -0.15 -18.92
N GLY A 74 19.73 0.88 -19.64
CA GLY A 74 20.10 0.71 -21.03
C GLY A 74 18.93 0.65 -21.98
N TYR A 75 17.71 0.84 -21.51
CA TYR A 75 16.56 0.91 -22.40
C TYR A 75 16.61 2.15 -23.28
N ASP A 76 17.18 3.23 -22.78
CA ASP A 76 17.14 4.56 -23.38
C ASP A 76 18.44 4.89 -24.09
N LYS A 77 18.53 6.14 -24.54
CA LYS A 77 19.77 6.81 -24.87
C LYS A 77 20.42 7.43 -23.64
N PHE A 78 19.81 7.24 -22.46
CA PHE A 78 20.25 7.88 -21.23
C PHE A 78 20.98 6.96 -20.28
N SER A 79 21.04 5.65 -20.56
CA SER A 79 21.67 4.71 -19.66
C SER A 79 22.44 3.66 -20.43
N TYR A 80 23.42 3.06 -19.75
CA TYR A 80 24.24 1.99 -20.27
C TYR A 80 24.33 0.92 -19.20
N SER A 81 24.04 -0.33 -19.55
CA SER A 81 23.88 -1.37 -18.54
C SER A 81 24.66 -2.63 -18.92
N TRP A 82 24.92 -3.42 -17.87
CA TRP A 82 25.67 -4.67 -17.96
C TRP A 82 24.79 -5.74 -17.33
N ARG A 83 24.35 -6.70 -18.13
CA ARG A 83 23.40 -7.70 -17.67
C ARG A 83 24.12 -8.92 -17.12
N SER A 84 23.71 -9.33 -15.91
CA SER A 84 24.25 -10.54 -15.30
C SER A 84 24.12 -11.74 -16.20
N LYS A 85 22.93 -11.90 -16.81
CA LYS A 85 22.68 -13.03 -17.70
C LYS A 85 23.40 -12.79 -19.02
N LYS A 86 24.40 -13.63 -19.30
CA LYS A 86 25.19 -13.70 -20.54
C LYS A 86 26.22 -12.56 -20.65
N GLY A 87 26.30 -11.66 -19.68
CA GLY A 87 27.28 -10.59 -19.73
C GLY A 87 27.03 -9.56 -20.81
N THR A 88 25.85 -9.55 -21.40
CA THR A 88 25.52 -8.59 -22.45
C THR A 88 25.57 -7.16 -21.93
N LYS A 89 25.97 -6.24 -22.79
CA LYS A 89 25.87 -4.81 -22.52
C LYS A 89 24.70 -4.23 -23.32
N PHE A 90 24.06 -3.21 -22.76
CA PHE A 90 22.83 -2.68 -23.32
C PHE A 90 22.88 -1.17 -23.44
N HIS A 91 22.42 -0.67 -24.58
CA HIS A 91 22.19 0.76 -24.77
C HIS A 91 21.16 0.92 -25.87
N GLN A 92 20.14 1.74 -25.62
CA GLN A 92 18.99 1.86 -26.51
C GLN A 92 18.34 0.49 -26.74
N SER A 93 18.41 -0.38 -25.73
CA SER A 93 17.82 -1.72 -25.77
C SER A 93 18.40 -2.59 -26.86
N ILE A 94 19.63 -2.34 -27.29
CA ILE A 94 20.34 -3.22 -28.22
C ILE A 94 21.36 -3.99 -27.39
N GLY A 95 21.24 -5.31 -27.40
CA GLY A 95 22.16 -6.17 -26.68
C GLY A 95 23.32 -6.58 -27.57
N LYS A 96 24.53 -6.44 -27.05
CA LYS A 96 25.74 -6.83 -27.76
C LYS A 96 26.62 -7.66 -26.84
N HIS A 97 27.27 -8.68 -27.38
CA HIS A 97 28.21 -9.47 -26.59
C HIS A 97 29.33 -8.57 -26.07
N TYR A 98 29.50 -8.56 -24.75
CA TYR A 98 30.56 -7.79 -24.12
C TYR A 98 31.53 -8.66 -23.33
N SER A 99 31.02 -9.45 -22.38
CA SER A 99 31.86 -10.20 -21.46
C SER A 99 31.07 -11.40 -20.97
N SER A 100 31.68 -12.19 -20.10
CA SER A 100 30.96 -13.25 -19.45
C SER A 100 29.97 -12.66 -18.46
N GLY A 101 28.92 -13.40 -18.16
CA GLY A 101 27.95 -12.97 -17.18
C GLY A 101 28.52 -12.99 -15.78
N TYR A 102 27.77 -12.40 -14.85
CA TYR A 102 28.09 -12.45 -13.44
C TYR A 102 26.88 -12.99 -12.67
N GLY A 103 27.12 -13.38 -11.43
CA GLY A 103 26.06 -13.94 -10.62
C GLY A 103 26.25 -13.66 -9.15
N GLN A 104 25.53 -14.40 -8.32
CA GLN A 104 25.52 -14.18 -6.88
C GLN A 104 26.92 -14.33 -6.31
N GLY A 105 27.28 -13.40 -5.42
CA GLY A 105 28.56 -13.42 -4.75
C GLY A 105 29.65 -12.62 -5.43
N ASP A 106 29.44 -12.17 -6.67
CA ASP A 106 30.45 -11.39 -7.37
C ASP A 106 30.39 -9.93 -6.94
N VAL A 107 31.54 -9.26 -7.00
CA VAL A 107 31.64 -7.83 -6.77
C VAL A 107 32.01 -7.19 -8.10
N LEU A 108 31.17 -6.26 -8.55
CA LEU A 108 31.34 -5.63 -9.85
C LEU A 108 31.80 -4.19 -9.68
N GLY A 109 32.65 -3.75 -10.59
CA GLY A 109 33.18 -2.40 -10.57
C GLY A 109 32.63 -1.62 -11.76
N PHE A 110 32.48 -0.32 -11.58
CA PHE A 110 31.91 0.55 -12.61
C PHE A 110 32.78 1.79 -12.74
N TYR A 111 33.49 1.89 -13.84
CA TYR A 111 34.40 3.00 -14.12
C TYR A 111 33.82 3.82 -15.26
N ILE A 112 33.82 5.14 -15.09
CA ILE A 112 33.40 6.06 -16.12
C ILE A 112 34.44 7.17 -16.20
N ASN A 113 34.73 7.61 -17.41
CA ASN A 113 35.63 8.74 -17.63
C ASN A 113 34.90 9.74 -18.51
N LEU A 114 34.83 10.99 -18.05
CA LEU A 114 34.20 12.08 -18.80
C LEU A 114 35.23 13.20 -18.91
N PRO A 115 36.27 13.01 -19.73
CA PRO A 115 37.42 13.91 -19.69
C PRO A 115 37.07 15.34 -20.07
N GLU A 116 37.86 16.27 -19.55
CA GLU A 116 37.75 17.68 -19.88
C GLU A 116 38.39 17.96 -21.24
N ASP A 117 37.97 19.08 -21.84
CA ASP A 117 38.52 19.51 -23.13
C ASP A 117 39.81 20.28 -22.94
N ARG A 122 38.18 18.16 -27.60
CA ARG A 122 37.25 17.40 -26.78
C ARG A 122 37.79 16.01 -26.49
N GLY A 123 37.50 15.54 -25.29
CA GLY A 123 38.00 14.26 -24.83
C GLY A 123 36.95 13.18 -25.00
N SER A 124 37.42 11.95 -25.22
CA SER A 124 36.55 10.82 -25.51
C SER A 124 36.20 10.08 -24.23
N SER A 125 34.93 10.11 -23.86
CA SER A 125 34.44 9.41 -22.69
C SER A 125 34.38 7.90 -22.94
N GLU A 126 34.48 7.13 -21.86
CA GLU A 126 34.36 5.68 -21.98
C GLU A 126 33.73 5.11 -20.72
N ILE A 127 33.27 3.86 -20.83
CA ILE A 127 32.73 3.10 -19.72
C ILE A 127 33.45 1.75 -19.70
N ILE A 128 33.99 1.38 -18.53
CA ILE A 128 34.65 0.10 -18.37
C ILE A 128 34.02 -0.62 -17.19
N PHE A 129 33.81 -1.92 -17.33
CA PHE A 129 33.19 -2.74 -16.30
C PHE A 129 34.22 -3.72 -15.74
N TYR A 130 34.04 -4.08 -14.47
CA TYR A 130 34.92 -5.01 -13.79
C TYR A 130 34.12 -6.10 -13.13
N LYS A 131 34.68 -7.31 -13.11
CA LYS A 131 34.14 -8.43 -12.36
C LYS A 131 35.21 -8.91 -11.40
N ASN A 132 35.01 -8.66 -10.10
CA ASN A 132 35.94 -9.08 -9.05
C ASN A 132 37.36 -8.59 -9.32
N GLY A 133 37.46 -7.30 -9.67
CA GLY A 133 38.73 -6.67 -9.91
C GLY A 133 39.34 -6.92 -11.28
N VAL A 134 38.66 -7.63 -12.17
CA VAL A 134 39.21 -8.01 -13.46
C VAL A 134 38.57 -7.14 -14.54
N ASN A 135 39.40 -6.45 -15.30
CA ASN A 135 38.92 -5.60 -16.40
C ASN A 135 38.29 -6.47 -17.48
N GLN A 136 37.07 -6.12 -17.86
CA GLN A 136 36.33 -6.83 -18.90
C GLN A 136 36.45 -6.17 -20.26
N GLY A 137 37.18 -5.06 -20.35
CA GLY A 137 37.31 -4.32 -21.59
C GLY A 137 36.38 -3.11 -21.63
N VAL A 138 36.67 -2.23 -22.59
CA VAL A 138 35.84 -1.05 -22.77
C VAL A 138 34.44 -1.49 -23.20
N ALA A 139 33.43 -1.03 -22.48
CA ALA A 139 32.06 -1.34 -22.84
C ALA A 139 31.51 -0.34 -23.86
N TYR A 140 31.77 0.95 -23.67
CA TYR A 140 31.26 1.98 -24.55
C TYR A 140 32.28 3.08 -24.73
N LYS A 141 32.17 3.78 -25.86
CA LYS A 141 33.07 4.88 -26.22
C LYS A 141 32.23 6.06 -26.68
N ASP A 142 32.65 7.27 -26.31
CA ASP A 142 32.02 8.52 -26.73
C ASP A 142 30.51 8.47 -26.51
N ILE A 143 30.10 8.31 -25.27
CA ILE A 143 28.66 8.14 -24.91
C ILE A 143 27.88 9.45 -25.02
N PHE A 144 26.57 9.38 -24.95
CA PHE A 144 25.75 10.60 -25.02
C PHE A 144 26.16 11.52 -23.87
N GLU A 145 26.43 12.79 -24.14
CA GLU A 145 26.90 13.79 -23.13
C GLU A 145 25.87 14.11 -22.07
N GLY A 146 26.29 14.37 -20.84
CA GLY A 146 25.35 14.69 -19.76
C GLY A 146 25.88 14.28 -18.42
N VAL A 147 25.06 14.27 -17.39
CA VAL A 147 25.49 13.92 -16.02
C VAL A 147 25.06 12.47 -15.75
N TYR A 148 26.00 11.62 -15.33
CA TYR A 148 25.72 10.19 -15.14
C TYR A 148 25.71 9.80 -13.66
N PHE A 149 24.66 9.11 -13.23
CA PHE A 149 24.51 8.63 -11.83
C PHE A 149 24.62 7.12 -11.81
N PRO A 150 25.21 6.51 -10.79
CA PRO A 150 25.21 5.07 -10.71
C PRO A 150 23.75 4.62 -10.69
N ALA A 151 23.42 3.62 -11.50
CA ALA A 151 22.02 3.14 -11.62
C ALA A 151 21.93 1.63 -11.40
N ILE A 152 20.88 1.20 -10.73
CA ILE A 152 20.63 -0.24 -10.52
C ILE A 152 19.27 -0.54 -11.15
N SER A 153 19.19 -1.63 -11.89
CA SER A 153 17.98 -2.12 -12.57
C SER A 153 17.87 -3.59 -12.23
N LEU A 154 16.83 -4.02 -11.55
CA LEU A 154 16.73 -5.44 -11.14
C LEU A 154 15.48 -6.07 -11.70
N TYR A 155 15.59 -7.31 -12.15
CA TYR A 155 14.39 -8.06 -12.59
C TYR A 155 14.19 -9.25 -11.66
N LYS A 156 13.10 -9.22 -10.90
CA LYS A 156 12.53 -10.30 -10.05
C LYS A 156 13.23 -10.63 -8.73
N SER A 157 13.11 -9.81 -7.71
CA SER A 157 13.52 -10.23 -6.33
C SER A 157 14.98 -10.66 -6.17
N CYS A 158 15.91 -10.10 -6.93
CA CYS A 158 17.31 -10.34 -6.57
C CYS A 158 17.76 -9.17 -5.70
N THR A 159 18.79 -9.36 -4.89
CA THR A 159 19.23 -8.30 -3.97
C THR A 159 20.66 -7.91 -4.29
N VAL A 160 20.93 -6.63 -4.40
CA VAL A 160 22.29 -6.16 -4.69
C VAL A 160 22.64 -5.07 -3.70
N SER A 161 23.89 -4.97 -3.34
CA SER A 161 24.38 -3.91 -2.48
C SER A 161 25.35 -3.03 -3.27
N ILE A 162 25.36 -1.75 -2.92
CA ILE A 162 26.19 -0.75 -3.63
C ILE A 162 27.25 -0.17 -2.71
N ASN A 163 28.42 0.11 -3.24
CA ASN A 163 29.50 0.76 -2.48
C ASN A 163 29.95 1.94 -3.31
N PHE A 164 29.79 3.14 -2.79
CA PHE A 164 30.16 4.34 -3.55
C PHE A 164 31.60 4.72 -3.26
N GLY A 165 32.21 4.04 -2.32
CA GLY A 165 33.57 4.30 -1.85
C GLY A 165 33.55 4.84 -0.43
N PRO A 166 34.67 5.31 0.12
CA PRO A 166 35.89 5.61 -0.62
C PRO A 166 36.81 4.43 -0.89
N CYS A 167 36.64 3.36 -0.15
CA CYS A 167 37.51 2.19 -0.31
C CYS A 167 36.67 1.07 -0.86
N PHE A 168 37.21 0.35 -1.84
CA PHE A 168 36.53 -0.74 -2.56
C PHE A 168 37.25 -2.06 -2.31
N LYS A 169 36.51 -3.15 -2.29
CA LYS A 169 37.06 -4.48 -2.06
C LYS A 169 38.09 -4.83 -3.12
N TYR A 170 37.82 -4.50 -4.38
CA TYR A 170 38.70 -4.78 -5.51
C TYR A 170 38.99 -3.48 -6.25
N PRO A 171 39.84 -2.62 -5.71
CA PRO A 171 40.20 -1.38 -6.41
C PRO A 171 40.94 -1.69 -7.70
N PRO A 172 40.57 -1.05 -8.80
CA PRO A 172 41.25 -1.34 -10.07
C PRO A 172 42.73 -1.01 -10.01
N LYS A 173 43.53 -1.88 -10.62
CA LYS A 173 44.98 -1.70 -10.62
C LYS A 173 45.49 -0.91 -11.82
N ASP A 174 44.72 -0.83 -12.91
CA ASP A 174 45.23 -0.26 -14.14
C ASP A 174 44.69 1.14 -14.46
N LEU A 175 43.85 1.71 -13.59
CA LEU A 175 43.21 2.98 -13.93
C LEU A 175 43.24 3.93 -12.74
N THR A 176 43.22 5.22 -13.06
CA THR A 176 43.08 6.28 -12.06
C THR A 176 41.63 6.73 -11.98
N TYR A 177 41.19 7.09 -10.78
CA TYR A 177 39.78 7.37 -10.55
C TYR A 177 39.59 8.02 -9.19
N ARG A 178 38.43 8.63 -9.00
CA ARG A 178 37.94 9.05 -7.70
C ARG A 178 36.67 8.28 -7.36
N PRO A 179 36.45 7.97 -6.08
CA PRO A 179 35.21 7.27 -5.74
C PRO A 179 34.00 8.20 -5.84
N MET A 180 32.87 7.61 -6.19
CA MET A 180 31.62 8.37 -6.27
C MET A 180 31.30 9.05 -4.95
N SER A 181 31.64 8.42 -3.83
CA SER A 181 31.38 8.98 -2.52
C SER A 181 31.97 10.38 -2.34
N ASP A 182 32.97 10.75 -3.15
CA ASP A 182 33.58 12.06 -3.08
C ASP A 182 32.64 13.16 -3.57
N MET A 183 31.45 12.79 -4.02
CA MET A 183 30.50 13.73 -4.58
C MET A 183 29.52 14.25 -3.53
N SER B 1 -19.73 8.84 22.30
CA SER B 1 -19.87 7.90 21.20
C SER B 1 -19.12 8.39 19.95
N THR B 2 -18.95 7.49 18.98
CA THR B 2 -18.15 7.75 17.80
C THR B 2 -19.04 7.97 16.59
N ARG B 3 -18.83 9.08 15.89
CA ARG B 3 -19.60 9.38 14.69
C ARG B 3 -19.08 8.55 13.52
N ARG B 4 -19.98 7.90 12.80
CA ARG B 4 -19.62 7.07 11.67
C ARG B 4 -20.04 7.74 10.37
N ALA B 5 -19.21 7.55 9.34
CA ALA B 5 -19.49 8.00 7.99
C ALA B 5 -19.88 6.82 7.12
N THR B 6 -20.63 7.11 6.05
CA THR B 6 -21.06 6.07 5.14
C THR B 6 -19.94 5.76 4.15
N SER B 7 -19.67 4.47 3.96
CA SER B 7 -18.64 4.02 3.04
C SER B 7 -19.25 3.83 1.66
N LEU B 8 -18.81 4.62 0.69
CA LEU B 8 -19.19 4.39 -0.69
C LEU B 8 -18.42 3.23 -1.29
N GLU B 9 -17.27 2.90 -0.72
CA GLU B 9 -16.36 1.89 -1.26
C GLU B 9 -16.80 0.48 -0.90
N LEU B 10 -17.62 0.29 0.13
CA LEU B 10 -18.11 -1.05 0.46
C LEU B 10 -19.17 -1.52 -0.52
N PRO B 11 -20.24 -0.76 -0.81
CA PRO B 11 -21.21 -1.25 -1.81
C PRO B 11 -20.66 -1.34 -3.22
N MET B 12 -19.68 -0.49 -3.58
CA MET B 12 -19.04 -0.63 -4.88
C MET B 12 -18.34 -1.97 -5.01
N ALA B 13 -17.68 -2.41 -3.94
CA ALA B 13 -17.08 -3.74 -3.94
C ALA B 13 -18.14 -4.83 -4.02
N MET B 14 -19.23 -4.66 -3.27
CA MET B 14 -20.33 -5.63 -3.35
C MET B 14 -20.95 -5.63 -4.73
N ARG B 15 -21.06 -4.47 -5.36
CA ARG B 15 -21.62 -4.40 -6.71
C ARG B 15 -20.69 -5.06 -7.73
N PHE B 16 -19.37 -4.90 -7.56
CA PHE B 16 -18.45 -5.39 -8.58
C PHE B 16 -18.43 -6.91 -8.64
N ARG B 17 -18.38 -7.57 -7.49
CA ARG B 17 -18.31 -9.04 -7.50
C ARG B 17 -19.64 -9.68 -7.86
N HIS B 18 -20.68 -8.89 -8.14
CA HIS B 18 -21.90 -9.37 -8.77
C HIS B 18 -21.99 -8.99 -10.24
N LEU B 19 -21.03 -8.21 -10.74
CA LEU B 19 -21.09 -7.69 -12.10
C LEU B 19 -21.10 -8.82 -13.13
N LYS B 20 -20.23 -9.81 -12.96
CA LYS B 20 -20.08 -10.85 -13.98
C LYS B 20 -21.38 -11.61 -14.19
N LYS B 21 -22.17 -11.81 -13.14
CA LYS B 21 -23.51 -12.36 -13.31
C LYS B 21 -24.49 -11.31 -13.83
N THR B 22 -24.28 -10.05 -13.46
CA THR B 22 -25.22 -8.99 -13.86
C THR B 22 -25.11 -8.70 -15.35
N SER B 23 -23.88 -8.60 -15.87
CA SER B 23 -23.68 -8.18 -17.26
C SER B 23 -24.25 -9.20 -18.25
N LYS B 24 -24.13 -10.49 -17.94
CA LYS B 24 -24.60 -11.51 -18.88
C LYS B 24 -26.12 -11.51 -19.00
N GLU B 25 -26.84 -11.00 -18.01
CA GLU B 25 -28.28 -10.79 -18.15
C GLU B 25 -28.60 -9.47 -18.86
N ALA B 26 -27.64 -8.55 -18.93
CA ALA B 26 -27.91 -7.16 -19.29
C ALA B 26 -27.47 -6.78 -20.70
N VAL B 27 -26.34 -7.29 -21.19
CA VAL B 27 -25.74 -6.80 -22.42
C VAL B 27 -25.71 -7.91 -23.47
N GLY B 28 -25.44 -7.50 -24.70
CA GLY B 28 -25.32 -8.41 -25.83
C GLY B 28 -24.67 -7.71 -26.99
N VAL B 29 -24.11 -8.51 -27.90
CA VAL B 29 -23.36 -8.00 -29.04
C VAL B 29 -24.21 -8.15 -30.29
N TYR B 30 -24.35 -7.07 -31.06
CA TYR B 30 -25.10 -7.07 -32.30
C TYR B 30 -24.35 -6.22 -33.32
N ARG B 31 -24.94 -6.08 -34.49
CA ARG B 31 -24.38 -5.24 -35.54
C ARG B 31 -24.75 -3.79 -35.29
N SER B 32 -23.78 -2.90 -35.46
CA SER B 32 -23.93 -1.49 -35.11
C SER B 32 -24.09 -0.63 -36.36
N ALA B 33 -24.96 0.37 -36.26
CA ALA B 33 -25.05 1.41 -37.28
C ALA B 33 -23.95 2.44 -37.15
N ILE B 34 -23.16 2.38 -36.09
CA ILE B 34 -21.97 3.23 -35.94
C ILE B 34 -20.81 2.55 -36.64
N HIS B 35 -20.48 1.33 -36.20
CA HIS B 35 -19.35 0.59 -36.74
C HIS B 35 -19.40 -0.88 -36.33
N GLY B 36 -19.35 -1.78 -37.31
CA GLY B 36 -19.16 -3.20 -37.06
C GLY B 36 -20.12 -3.77 -36.02
N ARG B 37 -19.56 -4.54 -35.09
CA ARG B 37 -20.32 -5.08 -33.98
C ARG B 37 -20.23 -4.15 -32.77
N GLY B 38 -21.33 -4.05 -32.04
CA GLY B 38 -21.37 -3.22 -30.85
C GLY B 38 -22.17 -3.89 -29.75
N LEU B 39 -21.90 -3.45 -28.53
CA LEU B 39 -22.61 -3.94 -27.35
C LEU B 39 -23.91 -3.18 -27.21
N PHE B 40 -25.01 -3.91 -27.01
CA PHE B 40 -26.32 -3.30 -26.84
C PHE B 40 -26.93 -3.73 -25.51
N CYS B 41 -28.05 -3.08 -25.19
CA CYS B 41 -28.69 -3.18 -23.88
C CYS B 41 -29.88 -4.14 -23.97
N LYS B 42 -29.83 -5.24 -23.22
CA LYS B 42 -30.83 -6.29 -23.29
C LYS B 42 -31.94 -6.13 -22.26
N ARG B 43 -31.86 -5.14 -21.38
CA ARG B 43 -32.89 -4.87 -20.39
C ARG B 43 -32.72 -3.46 -19.88
N ASN B 44 -33.83 -2.82 -19.51
CA ASN B 44 -33.80 -1.47 -18.99
C ASN B 44 -32.70 -1.30 -17.96
N ILE B 45 -31.84 -0.30 -18.17
CA ILE B 45 -30.67 -0.07 -17.33
C ILE B 45 -30.76 1.33 -16.74
N ASP B 46 -30.59 1.41 -15.42
CA ASP B 46 -30.78 2.64 -14.67
C ASP B 46 -29.48 3.43 -14.60
N ALA B 47 -29.61 4.70 -14.19
CA ALA B 47 -28.44 5.56 -14.06
C ALA B 47 -27.56 5.06 -12.91
N GLY B 48 -26.25 5.31 -13.05
CA GLY B 48 -25.28 4.88 -12.07
C GLY B 48 -25.08 3.38 -11.97
N GLU B 49 -25.89 2.58 -12.65
CA GLU B 49 -25.73 1.13 -12.61
C GLU B 49 -24.45 0.73 -13.32
N MET B 50 -23.72 -0.19 -12.70
CA MET B 50 -22.57 -0.79 -13.36
C MET B 50 -23.02 -1.67 -14.51
N VAL B 51 -22.47 -1.42 -15.70
CA VAL B 51 -22.84 -2.22 -16.86
C VAL B 51 -21.88 -3.40 -16.99
N ILE B 52 -20.59 -3.12 -17.12
CA ILE B 52 -19.61 -4.16 -17.40
C ILE B 52 -18.21 -3.62 -17.11
N GLU B 53 -17.26 -4.53 -16.91
CA GLU B 53 -15.86 -4.20 -16.73
C GLU B 53 -15.10 -4.37 -18.04
N TYR B 54 -14.15 -3.46 -18.28
CA TYR B 54 -13.21 -3.60 -19.41
C TYR B 54 -12.03 -4.43 -18.93
N SER B 55 -12.24 -5.74 -18.91
CA SER B 55 -11.21 -6.66 -18.44
C SER B 55 -10.23 -6.99 -19.56
N GLY B 56 -9.01 -7.29 -19.17
CA GLY B 56 -7.98 -7.64 -20.13
C GLY B 56 -6.72 -8.08 -19.43
N ILE B 57 -5.60 -7.99 -20.15
CA ILE B 57 -4.29 -8.28 -19.59
C ILE B 57 -3.68 -6.96 -19.11
N VAL B 58 -3.44 -6.86 -17.81
CA VAL B 58 -2.99 -5.62 -17.20
C VAL B 58 -1.46 -5.57 -17.29
N ILE B 59 -0.96 -4.79 -18.25
CA ILE B 59 0.47 -4.59 -18.42
C ILE B 59 0.84 -3.20 -17.89
N ARG B 60 2.13 -3.01 -17.63
CA ARG B 60 2.61 -1.72 -17.17
C ARG B 60 2.48 -0.66 -18.26
N SER B 61 2.34 0.59 -17.84
CA SER B 61 2.12 1.69 -18.78
C SER B 61 3.33 1.94 -19.68
N VAL B 62 4.53 1.53 -19.25
CA VAL B 62 5.72 1.76 -20.05
C VAL B 62 5.74 0.89 -21.30
N LEU B 63 5.09 -0.27 -21.24
CA LEU B 63 5.09 -1.22 -22.35
C LEU B 63 4.08 -0.87 -23.44
N THR B 64 3.45 0.32 -23.38
CA THR B 64 2.44 0.67 -24.37
C THR B 64 3.06 0.83 -25.76
N ASP B 65 4.12 1.64 -25.86
CA ASP B 65 4.72 1.93 -27.16
C ASP B 65 5.19 0.67 -27.87
N LYS B 66 5.89 -0.21 -27.15
CA LYS B 66 6.30 -1.49 -27.73
C LYS B 66 5.10 -2.32 -28.12
N ARG B 67 4.03 -2.28 -27.31
CA ARG B 67 2.83 -3.05 -27.62
C ARG B 67 2.15 -2.52 -28.88
N GLU B 68 2.07 -1.20 -29.03
CA GLU B 68 1.37 -0.62 -30.17
C GLU B 68 2.15 -0.83 -31.47
N LYS B 69 3.47 -0.77 -31.42
CA LYS B 69 4.26 -0.99 -32.62
C LYS B 69 4.23 -2.46 -33.03
N PHE B 70 4.02 -3.37 -32.07
CA PHE B 70 3.80 -4.76 -32.42
C PHE B 70 2.37 -4.98 -32.93
N TYR B 71 1.39 -4.33 -32.30
CA TYR B 71 0.02 -4.44 -32.76
C TYR B 71 -0.19 -3.72 -34.09
N ASP B 72 0.03 -2.40 -34.10
CA ASP B 72 -0.18 -1.63 -35.33
C ASP B 72 0.80 -2.00 -36.43
N GLY B 73 1.92 -2.65 -36.09
CA GLY B 73 2.84 -3.13 -37.09
C GLY B 73 2.38 -4.41 -37.75
N LYS B 74 1.74 -5.27 -36.97
CA LYS B 74 1.16 -6.50 -37.48
C LYS B 74 -0.28 -6.30 -37.96
N GLY B 75 -0.84 -5.12 -37.80
CA GLY B 75 -2.17 -4.83 -38.30
C GLY B 75 -3.28 -5.52 -37.54
N ILE B 76 -3.26 -5.40 -36.21
CA ILE B 76 -4.19 -6.12 -35.34
C ILE B 76 -5.29 -5.23 -34.79
N GLY B 77 -4.94 -4.10 -34.19
CA GLY B 77 -5.94 -3.21 -33.61
C GLY B 77 -5.54 -2.62 -32.28
N CYS B 78 -6.27 -1.60 -31.80
CA CYS B 78 -5.81 -0.85 -30.64
C CYS B 78 -6.13 -1.57 -29.33
N TYR B 79 -7.42 -1.68 -29.01
CA TYR B 79 -7.95 -2.43 -27.86
C TYR B 79 -7.10 -2.28 -26.60
N MET B 80 -6.78 -1.04 -26.24
CA MET B 80 -6.02 -0.79 -25.02
C MET B 80 -6.65 0.35 -24.24
N PHE B 81 -6.77 0.16 -22.93
CA PHE B 81 -7.44 1.08 -22.03
C PHE B 81 -6.46 1.51 -20.94
N ARG B 82 -6.33 2.81 -20.73
CA ARG B 82 -5.43 3.32 -19.70
C ARG B 82 -6.14 3.28 -18.35
N MET B 83 -5.49 2.61 -17.39
CA MET B 83 -6.01 2.48 -16.03
C MET B 83 -5.45 3.54 -15.10
N ASP B 84 -4.23 4.00 -15.36
CA ASP B 84 -3.41 4.68 -14.37
C ASP B 84 -2.37 5.50 -15.12
N ASP B 85 -1.40 6.03 -14.37
CA ASP B 85 -0.12 6.42 -14.96
C ASP B 85 0.89 5.29 -14.85
N PHE B 86 0.47 4.13 -14.35
CA PHE B 86 1.34 2.97 -14.17
C PHE B 86 0.82 1.69 -14.80
N ASP B 87 -0.48 1.57 -15.07
CA ASP B 87 -1.07 0.31 -15.50
C ASP B 87 -2.03 0.55 -16.66
N VAL B 88 -2.10 -0.42 -17.57
CA VAL B 88 -2.92 -0.34 -18.77
C VAL B 88 -3.52 -1.71 -19.04
N VAL B 89 -4.79 -1.72 -19.44
CA VAL B 89 -5.52 -2.96 -19.69
C VAL B 89 -5.44 -3.27 -21.17
N ASP B 90 -4.71 -4.34 -21.51
CA ASP B 90 -4.59 -4.79 -22.89
C ASP B 90 -5.67 -5.85 -23.14
N ALA B 91 -6.71 -5.45 -23.87
CA ALA B 91 -7.79 -6.36 -24.24
C ALA B 91 -7.67 -6.84 -25.68
N THR B 92 -6.52 -6.62 -26.33
CA THR B 92 -6.36 -7.00 -27.72
C THR B 92 -6.50 -8.51 -27.89
N MET B 93 -5.75 -9.29 -27.12
CA MET B 93 -5.79 -10.74 -27.24
C MET B 93 -6.73 -11.40 -26.23
N HIS B 94 -6.94 -10.76 -25.08
CA HIS B 94 -7.81 -11.30 -24.04
C HIS B 94 -8.67 -10.19 -23.49
N GLY B 95 -9.98 -10.34 -23.60
CA GLY B 95 -10.91 -9.35 -23.09
C GLY B 95 -12.29 -9.94 -22.87
N ASN B 96 -13.28 -9.05 -22.87
CA ASN B 96 -14.69 -9.45 -22.75
C ASN B 96 -15.50 -8.58 -23.72
N ALA B 97 -16.83 -8.69 -23.63
CA ALA B 97 -17.71 -7.99 -24.57
C ALA B 97 -17.55 -6.48 -24.50
N ALA B 98 -17.01 -5.96 -23.40
CA ALA B 98 -16.84 -4.51 -23.27
C ALA B 98 -15.94 -3.92 -24.34
N ARG B 99 -15.13 -4.74 -25.01
CA ARG B 99 -14.31 -4.25 -26.10
C ARG B 99 -15.11 -4.02 -27.38
N PHE B 100 -16.38 -4.41 -27.39
CA PHE B 100 -17.27 -4.12 -28.51
C PHE B 100 -18.06 -2.82 -28.31
N ILE B 101 -17.90 -2.15 -27.17
CA ILE B 101 -18.57 -0.87 -26.96
C ILE B 101 -17.95 0.17 -27.90
N ASN B 102 -18.80 0.88 -28.64
CA ASN B 102 -18.35 1.91 -29.56
C ASN B 102 -18.24 3.25 -28.84
N HIS B 103 -17.63 4.21 -29.52
CA HIS B 103 -17.49 5.56 -29.01
C HIS B 103 -18.62 6.44 -29.52
N SER B 104 -19.01 7.41 -28.70
CA SER B 104 -19.82 8.53 -29.16
C SER B 104 -19.29 9.80 -28.53
N CYS B 105 -19.61 10.92 -29.19
CA CYS B 105 -19.50 12.23 -28.56
C CYS B 105 -20.70 12.53 -27.69
N GLU B 106 -21.78 11.77 -27.82
CA GLU B 106 -23.01 11.93 -27.05
C GLU B 106 -23.33 10.63 -26.32
N PRO B 107 -22.41 10.14 -25.49
CA PRO B 107 -22.56 8.78 -24.97
C PRO B 107 -23.73 8.67 -24.00
N ASN B 108 -24.05 7.42 -23.63
CA ASN B 108 -24.98 7.15 -22.54
C ASN B 108 -24.30 6.43 -21.39
N CYS B 109 -23.01 6.15 -21.49
CA CYS B 109 -22.23 5.54 -20.42
C CYS B 109 -20.90 6.29 -20.28
N PHE B 110 -20.21 6.05 -19.17
CA PHE B 110 -18.90 6.65 -18.94
C PHE B 110 -18.00 5.63 -18.26
N SER B 111 -16.70 5.79 -18.48
CA SER B 111 -15.71 4.89 -17.92
C SER B 111 -15.21 5.42 -16.59
N ARG B 112 -14.92 4.51 -15.66
CA ARG B 112 -14.39 4.92 -14.37
C ARG B 112 -13.46 3.84 -13.82
N VAL B 113 -12.35 4.25 -13.25
CA VAL B 113 -11.42 3.32 -12.57
C VAL B 113 -11.85 3.27 -11.10
N ILE B 114 -12.08 2.08 -10.57
CA ILE B 114 -12.52 1.94 -9.17
C ILE B 114 -11.60 0.94 -8.47
N HIS B 115 -11.62 0.92 -7.16
CA HIS B 115 -10.72 -0.01 -6.43
C HIS B 115 -11.55 -1.00 -5.62
N VAL B 116 -11.21 -2.26 -5.75
CA VAL B 116 -11.91 -3.34 -5.01
C VAL B 116 -10.81 -4.25 -4.45
N GLU B 117 -10.89 -4.62 -3.18
CA GLU B 117 -9.78 -5.35 -2.53
C GLU B 117 -8.57 -4.42 -2.74
N GLY B 118 -7.51 -4.89 -3.37
CA GLY B 118 -6.42 -3.93 -3.59
C GLY B 118 -6.22 -3.58 -5.05
N GLN B 119 -6.97 -4.20 -5.97
CA GLN B 119 -6.74 -3.89 -7.40
C GLN B 119 -7.75 -2.89 -7.93
N LYS B 120 -7.41 -2.34 -9.08
CA LYS B 120 -8.23 -1.35 -9.81
C LYS B 120 -8.86 -2.04 -11.00
N HIS B 121 -10.08 -1.66 -11.34
CA HIS B 121 -10.83 -2.23 -12.48
C HIS B 121 -11.44 -1.08 -13.26
N ILE B 122 -11.50 -1.19 -14.59
CA ILE B 122 -12.20 -0.16 -15.41
C ILE B 122 -13.61 -0.66 -15.62
N VAL B 123 -14.59 0.04 -15.09
CA VAL B 123 -15.98 -0.36 -15.13
C VAL B 123 -16.77 0.72 -15.88
N ILE B 124 -17.80 0.29 -16.59
CA ILE B 124 -18.65 1.19 -17.37
C ILE B 124 -19.99 1.32 -16.67
N PHE B 125 -20.35 2.56 -16.34
CA PHE B 125 -21.61 2.89 -15.67
C PHE B 125 -22.52 3.62 -16.64
N ALA B 126 -23.83 3.54 -16.39
CA ALA B 126 -24.81 4.21 -17.22
C ALA B 126 -24.99 5.66 -16.78
N LEU B 127 -24.87 6.58 -17.73
CA LEU B 127 -25.02 8.01 -17.44
C LEU B 127 -26.46 8.43 -17.26
N ARG B 128 -27.42 7.59 -17.62
CA ARG B 128 -28.84 7.92 -17.57
C ARG B 128 -29.62 6.62 -17.69
N ARG B 129 -30.94 6.73 -17.62
CA ARG B 129 -31.80 5.58 -17.87
C ARG B 129 -31.68 5.15 -19.33
N ILE B 130 -31.26 3.91 -19.56
CA ILE B 130 -31.03 3.39 -20.90
C ILE B 130 -32.06 2.29 -21.16
N LEU B 131 -32.83 2.46 -22.23
CA LEU B 131 -33.93 1.55 -22.52
C LEU B 131 -33.45 0.32 -23.28
N ARG B 132 -34.20 -0.76 -23.12
CA ARG B 132 -33.87 -2.04 -23.77
C ARG B 132 -33.78 -1.86 -25.27
N GLY B 133 -32.64 -2.25 -25.84
CA GLY B 133 -32.40 -2.16 -27.27
C GLY B 133 -31.40 -1.10 -27.67
N GLU B 134 -31.18 -0.09 -26.83
CA GLU B 134 -30.20 0.94 -27.12
C GLU B 134 -28.81 0.33 -27.23
N GLU B 135 -27.94 1.03 -27.97
CA GLU B 135 -26.54 0.65 -28.02
C GLU B 135 -25.78 1.36 -26.90
N LEU B 136 -25.13 0.58 -26.05
CA LEU B 136 -24.30 1.16 -25.01
C LEU B 136 -23.09 1.84 -25.62
N THR B 137 -22.55 2.83 -24.91
CA THR B 137 -21.59 3.72 -25.54
C THR B 137 -20.95 4.62 -24.50
N TYR B 138 -19.65 4.88 -24.64
CA TYR B 138 -18.95 5.84 -23.81
C TYR B 138 -17.97 6.65 -24.66
N ASP B 139 -17.45 7.72 -24.06
CA ASP B 139 -16.48 8.59 -24.70
C ASP B 139 -15.09 7.97 -24.53
N TYR B 140 -14.47 7.57 -25.65
CA TYR B 140 -13.16 6.95 -25.60
C TYR B 140 -12.12 7.85 -24.97
N LYS B 141 -12.25 9.17 -25.17
CA LYS B 141 -11.27 10.15 -24.68
C LYS B 141 -9.87 9.81 -25.18
N PHE B 142 -9.77 9.58 -26.50
CA PHE B 142 -8.47 9.39 -27.11
C PHE B 142 -7.67 10.69 -27.03
N PRO B 143 -6.35 10.60 -26.95
CA PRO B 143 -5.52 11.80 -27.07
C PRO B 143 -5.68 12.42 -28.45
N ILE B 144 -5.57 13.74 -28.51
CA ILE B 144 -5.76 14.46 -29.76
C ILE B 144 -4.50 14.31 -30.61
N GLU B 145 -4.71 14.10 -31.91
CA GLU B 145 -3.62 13.87 -32.84
C GLU B 145 -3.69 14.83 -34.01
N ASP B 146 -2.87 14.61 -35.03
CA ASP B 146 -2.86 15.41 -36.25
C ASP B 146 -3.06 14.50 -37.45
N ALA B 147 -2.97 15.08 -38.65
CA ALA B 147 -3.22 14.39 -39.91
C ALA B 147 -2.42 13.11 -40.07
N LYS B 150 -5.84 11.10 -37.77
CA LYS B 150 -7.24 11.50 -37.75
C LYS B 150 -8.14 10.29 -38.02
N LEU B 151 -8.96 9.96 -37.02
CA LEU B 151 -9.89 8.82 -37.11
C LEU B 151 -11.31 9.35 -37.20
N PRO B 152 -12.02 9.16 -38.31
CA PRO B 152 -13.37 9.69 -38.42
C PRO B 152 -14.34 8.94 -37.52
N CYS B 153 -15.21 9.70 -36.85
CA CYS B 153 -16.25 9.15 -35.99
C CYS B 153 -17.57 9.07 -36.73
N ASN B 154 -18.35 8.04 -36.39
CA ASN B 154 -19.64 7.77 -37.03
C ASN B 154 -20.76 7.64 -36.00
N CYS B 155 -20.59 8.26 -34.83
CA CYS B 155 -21.58 8.12 -33.76
C CYS B 155 -22.94 8.67 -34.15
N GLY B 156 -23.01 9.48 -35.21
CA GLY B 156 -24.27 9.85 -35.82
C GLY B 156 -25.18 10.74 -35.00
N ALA B 157 -24.69 11.27 -33.89
CA ALA B 157 -25.45 12.23 -33.09
C ALA B 157 -24.94 13.64 -33.38
N LYS B 158 -25.84 14.61 -33.32
CA LYS B 158 -25.43 15.99 -33.54
C LYS B 158 -24.55 16.46 -32.39
N ARG B 159 -23.79 17.53 -32.65
CA ARG B 159 -22.67 18.00 -31.84
C ARG B 159 -21.50 17.01 -31.84
N CYS B 160 -21.48 16.07 -32.78
CA CYS B 160 -20.39 15.11 -32.88
C CYS B 160 -19.09 15.80 -33.28
N ARG B 161 -18.00 15.45 -32.59
CA ARG B 161 -16.70 16.09 -32.78
C ARG B 161 -16.04 15.78 -34.12
N ARG B 162 -16.68 14.98 -34.97
CA ARG B 162 -16.32 14.64 -36.34
C ARG B 162 -15.14 13.67 -36.40
N PHE B 163 -14.48 13.35 -35.29
CA PHE B 163 -13.32 12.48 -35.30
C PHE B 163 -13.16 11.82 -33.95
N LEU B 164 -12.70 10.56 -33.96
CA LEU B 164 -12.41 9.86 -32.71
C LEU B 164 -11.24 10.48 -31.96
N ASN B 165 -10.40 11.25 -32.63
CA ASN B 165 -9.31 11.96 -31.96
C ASN B 165 -8.97 13.26 -32.70
N SER C 1 -4.73 3.58 -30.54
CA SER C 1 -4.64 4.50 -29.42
C SER C 1 -5.11 3.84 -28.13
N THR C 2 -4.89 4.50 -27.00
CA THR C 2 -5.25 3.97 -25.69
C THR C 2 -6.41 4.76 -25.11
N ARG C 3 -7.44 4.05 -24.67
CA ARG C 3 -8.60 4.70 -24.08
C ARG C 3 -8.27 5.17 -22.67
N ARG C 4 -8.79 6.34 -22.32
CA ARG C 4 -8.51 6.97 -21.03
C ARG C 4 -9.83 7.24 -20.32
N ALA C 5 -9.87 6.90 -19.03
CA ALA C 5 -11.02 7.17 -18.18
C ALA C 5 -10.76 8.41 -17.33
N THR C 6 -11.78 9.24 -17.18
CA THR C 6 -11.64 10.45 -16.38
C THR C 6 -11.55 10.10 -14.90
N SER C 7 -10.73 10.84 -14.19
CA SER C 7 -10.49 10.60 -12.77
C SER C 7 -11.45 11.41 -11.90
N LEU C 8 -11.75 10.86 -10.73
CA LEU C 8 -12.49 11.56 -9.69
C LEU C 8 -11.65 11.80 -8.44
N GLU C 9 -10.59 11.04 -8.24
CA GLU C 9 -9.70 11.19 -7.09
C GLU C 9 -8.68 12.30 -7.30
N LEU C 10 -8.36 12.63 -8.55
CA LEU C 10 -7.49 13.77 -8.82
C LEU C 10 -8.17 15.10 -8.51
N PRO C 11 -9.40 15.36 -8.98
CA PRO C 11 -10.08 16.61 -8.59
C PRO C 11 -10.48 16.65 -7.12
N MET C 12 -10.69 15.49 -6.49
CA MET C 12 -10.98 15.47 -5.06
C MET C 12 -9.82 16.07 -4.27
N ALA C 13 -8.60 15.63 -4.58
CA ALA C 13 -7.42 16.10 -3.85
C ALA C 13 -7.28 17.62 -3.97
N MET C 14 -7.38 18.15 -5.20
CA MET C 14 -7.22 19.58 -5.42
C MET C 14 -8.36 20.37 -4.82
N ARG C 15 -9.59 19.84 -4.90
CA ARG C 15 -10.69 20.44 -4.14
C ARG C 15 -10.37 20.43 -2.65
N PHE C 16 -9.67 19.39 -2.17
CA PHE C 16 -9.39 19.30 -0.74
C PHE C 16 -8.29 20.24 -0.30
N ARG C 17 -7.21 20.38 -1.08
CA ARG C 17 -6.13 21.27 -0.66
C ARG C 17 -6.55 22.73 -0.70
N HIS C 18 -7.66 23.04 -1.37
CA HIS C 18 -8.26 24.36 -1.32
C HIS C 18 -9.39 24.45 -0.30
N LEU C 19 -9.55 23.42 0.54
CA LEU C 19 -10.61 23.46 1.55
C LEU C 19 -10.19 24.27 2.78
N LYS C 20 -8.91 24.25 3.13
CA LYS C 20 -8.45 25.02 4.28
C LYS C 20 -8.77 26.51 4.11
N LYS C 21 -8.60 27.03 2.90
CA LYS C 21 -8.81 28.46 2.70
C LYS C 21 -10.28 28.83 2.56
N THR C 22 -11.13 27.96 2.00
CA THR C 22 -12.51 28.34 1.70
C THR C 22 -13.45 28.15 2.88
N SER C 23 -13.22 27.13 3.73
CA SER C 23 -14.16 26.90 4.83
C SER C 23 -14.25 28.11 5.76
N LYS C 24 -13.10 28.68 6.14
CA LYS C 24 -13.09 29.73 7.16
C LYS C 24 -13.93 30.94 6.76
N GLU C 25 -14.07 31.20 5.46
CA GLU C 25 -14.90 32.32 5.01
C GLU C 25 -16.37 31.95 4.90
N ALA C 26 -16.68 30.65 4.81
CA ALA C 26 -18.04 30.23 4.51
C ALA C 26 -18.83 29.70 5.71
N VAL C 27 -18.16 29.35 6.81
CA VAL C 27 -18.84 28.78 7.96
C VAL C 27 -18.61 29.69 9.18
N GLY C 28 -19.34 29.39 10.25
CA GLY C 28 -19.23 30.12 11.49
C GLY C 28 -19.98 29.46 12.63
N VAL C 29 -19.46 29.58 13.85
CA VAL C 29 -20.03 28.92 15.02
C VAL C 29 -20.86 29.96 15.79
N TYR C 30 -22.17 29.72 15.86
CA TYR C 30 -23.09 30.56 16.61
C TYR C 30 -24.02 29.66 17.40
N ARG C 31 -24.70 30.25 18.39
CA ARG C 31 -25.55 29.46 19.28
C ARG C 31 -26.77 28.96 18.52
N SER C 32 -27.01 27.65 18.61
CA SER C 32 -27.98 26.96 17.78
C SER C 32 -29.27 26.68 18.54
N ALA C 33 -30.38 26.63 17.80
CA ALA C 33 -31.66 26.26 18.40
C ALA C 33 -31.70 24.77 18.72
N ILE C 34 -31.03 23.95 17.93
CA ILE C 34 -30.98 22.50 18.18
C ILE C 34 -30.30 22.22 19.52
N HIS C 35 -29.06 22.70 19.67
CA HIS C 35 -28.31 22.50 20.90
C HIS C 35 -27.06 23.37 20.95
N GLY C 36 -26.90 24.13 22.05
CA GLY C 36 -25.68 24.89 22.30
C GLY C 36 -25.22 25.69 21.11
N ARG C 37 -23.92 25.66 20.86
CA ARG C 37 -23.35 26.25 19.65
C ARG C 37 -23.49 25.29 18.47
N GLY C 38 -23.45 25.86 17.27
CA GLY C 38 -23.55 25.07 16.05
C GLY C 38 -22.89 25.80 14.91
N LEU C 39 -22.82 25.12 13.77
CA LEU C 39 -22.19 25.64 12.57
C LEU C 39 -23.23 26.18 11.61
N PHE C 40 -23.00 27.38 11.10
CA PHE C 40 -23.91 28.05 10.17
C PHE C 40 -23.14 28.46 8.92
N CYS C 41 -23.89 28.90 7.91
CA CYS C 41 -23.31 29.30 6.63
C CYS C 41 -23.13 30.82 6.60
N LYS C 42 -21.88 31.27 6.53
CA LYS C 42 -21.61 32.67 6.25
C LYS C 42 -21.85 33.02 4.78
N ARG C 43 -21.99 32.01 3.91
CA ARG C 43 -22.12 32.22 2.48
C ARG C 43 -23.01 31.14 1.90
N ASN C 44 -23.55 31.42 0.71
CA ASN C 44 -24.31 30.43 -0.04
C ASN C 44 -23.41 29.24 -0.41
N ILE C 45 -23.93 28.04 -0.22
CA ILE C 45 -23.17 26.81 -0.47
C ILE C 45 -23.91 25.98 -1.52
N ASP C 46 -23.20 25.59 -2.57
CA ASP C 46 -23.76 24.78 -3.62
C ASP C 46 -23.80 23.32 -3.20
N ALA C 47 -24.67 22.55 -3.87
CA ALA C 47 -24.80 21.13 -3.59
C ALA C 47 -23.53 20.39 -4.00
N GLY C 48 -23.19 19.36 -3.23
CA GLY C 48 -22.00 18.57 -3.48
C GLY C 48 -20.70 19.24 -3.11
N GLU C 49 -20.73 20.49 -2.70
CA GLU C 49 -19.52 21.25 -2.41
C GLU C 49 -18.93 20.84 -1.06
N MET C 50 -17.61 20.88 -0.98
CA MET C 50 -16.89 20.55 0.25
C MET C 50 -17.01 21.71 1.23
N VAL C 51 -17.49 21.41 2.44
CA VAL C 51 -17.73 22.45 3.43
C VAL C 51 -16.54 22.59 4.37
N ILE C 52 -16.19 21.49 5.06
CA ILE C 52 -15.16 21.54 6.09
C ILE C 52 -14.71 20.11 6.38
N GLU C 53 -13.49 19.98 6.91
CA GLU C 53 -12.93 18.71 7.33
C GLU C 53 -13.09 18.52 8.83
N TYR C 54 -13.26 17.26 9.24
CA TYR C 54 -13.29 16.90 10.66
C TYR C 54 -11.87 16.54 11.07
N SER C 55 -11.16 17.50 11.66
CA SER C 55 -9.76 17.32 12.02
C SER C 55 -9.62 16.89 13.48
N GLY C 56 -8.39 16.61 13.88
CA GLY C 56 -8.10 16.27 15.26
C GLY C 56 -6.93 15.30 15.32
N ILE C 57 -6.78 14.68 16.49
CA ILE C 57 -5.74 13.68 16.72
C ILE C 57 -6.22 12.35 16.14
N VAL C 58 -5.37 11.73 15.33
CA VAL C 58 -5.69 10.47 14.66
C VAL C 58 -5.12 9.33 15.51
N ILE C 59 -6.00 8.52 16.09
CA ILE C 59 -5.62 7.43 16.96
C ILE C 59 -6.14 6.13 16.38
N ARG C 60 -5.52 5.02 16.81
CA ARG C 60 -6.04 3.71 16.48
C ARG C 60 -7.35 3.47 17.21
N SER C 61 -8.22 2.67 16.59
CA SER C 61 -9.57 2.46 17.11
C SER C 61 -9.56 1.79 18.49
N VAL C 62 -8.52 1.01 18.80
CA VAL C 62 -8.48 0.30 20.07
C VAL C 62 -8.49 1.26 21.25
N LEU C 63 -7.99 2.47 21.05
CA LEU C 63 -7.78 3.41 22.16
C LEU C 63 -9.01 4.24 22.51
N THR C 64 -10.09 4.15 21.74
CA THR C 64 -11.26 4.97 22.01
C THR C 64 -11.87 4.62 23.37
N ASP C 65 -12.04 3.33 23.65
CA ASP C 65 -12.62 2.92 24.93
C ASP C 65 -11.75 3.37 26.09
N LYS C 66 -10.42 3.22 25.96
CA LYS C 66 -9.52 3.77 26.96
C LYS C 66 -9.63 5.29 27.01
N ARG C 67 -9.79 5.93 25.85
CA ARG C 67 -9.86 7.39 25.80
C ARG C 67 -11.22 7.90 26.27
N GLU C 68 -12.31 7.23 25.89
CA GLU C 68 -13.64 7.66 26.33
C GLU C 68 -13.76 7.64 27.84
N LYS C 69 -13.23 6.60 28.49
CA LYS C 69 -13.33 6.49 29.94
C LYS C 69 -12.56 7.60 30.64
N PHE C 70 -11.50 8.10 30.02
CA PHE C 70 -10.81 9.27 30.56
C PHE C 70 -11.70 10.50 30.47
N TYR C 71 -12.32 10.72 29.31
CA TYR C 71 -13.14 11.92 29.12
C TYR C 71 -14.35 11.91 30.04
N ASP C 72 -14.97 10.75 30.23
CA ASP C 72 -16.03 10.65 31.23
C ASP C 72 -15.50 10.93 32.62
N GLY C 73 -14.22 10.63 32.87
CA GLY C 73 -13.66 10.84 34.20
C GLY C 73 -13.60 12.31 34.57
N LYS C 74 -13.33 13.18 33.60
CA LYS C 74 -13.31 14.62 33.82
C LYS C 74 -14.54 15.32 33.28
N GLY C 75 -15.51 14.57 32.73
CA GLY C 75 -16.72 15.16 32.23
C GLY C 75 -16.58 15.92 30.94
N ILE C 76 -15.75 15.43 30.02
CA ILE C 76 -15.36 16.19 28.83
C ILE C 76 -16.36 16.03 27.69
N GLY C 77 -16.72 14.80 27.32
CA GLY C 77 -17.63 14.55 26.23
C GLY C 77 -17.04 13.60 25.21
N CYS C 78 -17.73 13.47 24.07
CA CYS C 78 -17.38 12.44 23.09
C CYS C 78 -16.40 12.95 22.02
N TYR C 79 -16.88 13.85 21.16
CA TYR C 79 -16.11 14.48 20.09
C TYR C 79 -15.14 13.50 19.40
N MET C 80 -15.69 12.41 18.85
CA MET C 80 -14.88 11.46 18.12
C MET C 80 -15.58 11.04 16.82
N PHE C 81 -14.79 10.61 15.85
CA PHE C 81 -15.27 10.33 14.51
C PHE C 81 -14.49 9.18 13.90
N ARG C 82 -15.20 8.11 13.53
CA ARG C 82 -14.56 6.92 12.98
C ARG C 82 -14.20 7.14 11.51
N MET C 83 -12.93 6.92 11.18
CA MET C 83 -12.46 7.04 9.79
C MET C 83 -12.64 5.73 9.02
N ASP C 84 -12.08 4.64 9.55
CA ASP C 84 -12.23 3.32 8.95
C ASP C 84 -12.21 2.28 10.07
N ASP C 85 -11.98 1.02 9.70
CA ASP C 85 -11.91 -0.04 10.70
C ASP C 85 -10.75 0.13 11.66
N PHE C 86 -9.78 0.99 11.35
CA PHE C 86 -8.53 1.03 12.11
C PHE C 86 -8.24 2.36 12.77
N ASP C 87 -8.58 3.49 12.15
CA ASP C 87 -8.22 4.79 12.68
C ASP C 87 -9.47 5.61 13.02
N VAL C 88 -9.33 6.45 14.04
CA VAL C 88 -10.41 7.31 14.53
C VAL C 88 -9.83 8.70 14.80
N VAL C 89 -10.58 9.74 14.45
CA VAL C 89 -10.17 11.12 14.75
C VAL C 89 -10.75 11.51 16.10
N ASP C 90 -9.88 11.85 17.05
CA ASP C 90 -10.29 12.30 18.38
C ASP C 90 -10.25 13.83 18.38
N ALA C 91 -11.42 14.44 18.22
CA ALA C 91 -11.54 15.89 18.21
C ALA C 91 -11.90 16.47 19.57
N THR C 92 -11.65 15.73 20.65
CA THR C 92 -12.07 16.18 21.97
C THR C 92 -11.25 17.38 22.43
N MET C 93 -9.92 17.25 22.42
CA MET C 93 -9.02 18.30 22.88
C MET C 93 -8.35 19.05 21.72
N HIS C 94 -8.76 18.78 20.49
CA HIS C 94 -7.96 19.09 19.32
C HIS C 94 -8.86 19.07 18.10
N GLY C 95 -8.87 20.12 17.30
CA GLY C 95 -9.64 20.05 16.06
C GLY C 95 -9.88 21.40 15.43
N ASN C 96 -10.97 21.48 14.65
CA ASN C 96 -11.34 22.72 13.99
C ASN C 96 -12.80 23.05 14.30
N ALA C 97 -13.36 24.03 13.60
CA ALA C 97 -14.74 24.44 13.83
C ALA C 97 -15.76 23.39 13.40
N ALA C 98 -15.33 22.27 12.82
CA ALA C 98 -16.27 21.24 12.41
C ALA C 98 -16.85 20.47 13.60
N ARG C 99 -16.16 20.47 14.75
CA ARG C 99 -16.67 19.78 15.91
C ARG C 99 -17.99 20.35 16.42
N PHE C 100 -18.40 21.51 15.92
CA PHE C 100 -19.64 22.16 16.35
C PHE C 100 -20.83 21.84 15.45
N ILE C 101 -20.65 21.03 14.40
CA ILE C 101 -21.79 20.66 13.57
C ILE C 101 -22.72 19.75 14.36
N ASN C 102 -23.99 20.08 14.36
CA ASN C 102 -24.98 19.33 15.11
C ASN C 102 -25.59 18.22 14.26
N HIS C 103 -26.22 17.26 14.93
CA HIS C 103 -26.91 16.17 14.27
C HIS C 103 -28.35 16.56 13.94
N SER C 104 -28.89 15.96 12.89
CA SER C 104 -30.31 16.06 12.58
C SER C 104 -30.71 14.85 11.75
N CYS C 105 -31.92 14.34 12.00
CA CYS C 105 -32.35 13.10 11.36
C CYS C 105 -32.57 13.24 9.87
N GLU C 106 -32.69 14.47 9.36
CA GLU C 106 -32.63 14.73 7.92
C GLU C 106 -31.82 16.01 7.71
N PRO C 107 -30.53 15.88 7.49
CA PRO C 107 -29.64 17.04 7.46
C PRO C 107 -29.48 17.66 6.08
N ASN C 108 -28.70 18.74 6.00
CA ASN C 108 -28.33 19.33 4.72
C ASN C 108 -26.90 18.99 4.31
N CYS C 109 -26.16 18.25 5.14
CA CYS C 109 -24.82 17.81 4.83
C CYS C 109 -24.73 16.30 5.00
N PHE C 110 -23.56 15.75 4.66
CA PHE C 110 -23.26 14.34 4.91
C PHE C 110 -21.75 14.20 5.00
N SER C 111 -21.31 13.10 5.59
CA SER C 111 -19.90 12.85 5.83
C SER C 111 -19.37 11.79 4.88
N ARG C 112 -18.06 11.83 4.65
CA ARG C 112 -17.36 10.86 3.83
C ARG C 112 -15.87 10.99 4.11
N VAL C 113 -15.19 9.86 4.23
CA VAL C 113 -13.76 9.84 4.42
C VAL C 113 -13.07 9.75 3.06
N ILE C 114 -12.11 10.62 2.84
CA ILE C 114 -11.49 10.81 1.53
C ILE C 114 -10.03 10.37 1.60
N HIS C 115 -9.53 9.82 0.49
CA HIS C 115 -8.12 9.56 0.32
C HIS C 115 -7.55 10.60 -0.65
N VAL C 116 -6.49 11.29 -0.22
CA VAL C 116 -5.95 12.37 -1.03
C VAL C 116 -4.64 11.95 -1.70
N GLU C 117 -3.59 11.74 -0.90
CA GLU C 117 -2.37 11.11 -1.41
C GLU C 117 -2.23 9.69 -0.87
N GLY C 118 -2.04 9.53 0.44
CA GLY C 118 -2.13 8.28 1.14
C GLY C 118 -2.83 8.52 2.46
N GLN C 119 -2.98 9.79 2.79
CA GLN C 119 -3.61 10.22 4.03
C GLN C 119 -5.12 10.21 3.88
N LYS C 120 -5.81 9.84 4.96
CA LYS C 120 -7.26 9.84 5.01
C LYS C 120 -7.76 11.08 5.75
N HIS C 121 -8.86 11.66 5.25
CA HIS C 121 -9.45 12.85 5.83
C HIS C 121 -10.96 12.73 5.85
N ILE C 122 -11.57 13.14 6.96
CA ILE C 122 -13.04 13.16 7.08
C ILE C 122 -13.52 14.53 6.63
N VAL C 123 -14.21 14.58 5.48
CA VAL C 123 -14.67 15.83 4.90
C VAL C 123 -16.20 15.84 4.88
N ILE C 124 -16.77 17.04 4.97
CA ILE C 124 -18.21 17.22 5.01
C ILE C 124 -18.64 17.92 3.72
N PHE C 125 -19.57 17.30 2.98
CA PHE C 125 -20.10 17.85 1.75
C PHE C 125 -21.56 18.24 1.93
N ALA C 126 -22.04 19.09 1.03
CA ALA C 126 -23.40 19.60 1.08
C ALA C 126 -24.31 18.74 0.20
N LEU C 127 -25.43 18.30 0.79
CA LEU C 127 -26.42 17.50 0.06
C LEU C 127 -27.25 18.33 -0.92
N ARG C 128 -27.39 19.62 -0.68
CA ARG C 128 -28.29 20.46 -1.45
C ARG C 128 -27.73 21.87 -1.51
N ARG C 129 -28.45 22.75 -2.21
CA ARG C 129 -28.18 24.18 -2.10
C ARG C 129 -28.53 24.64 -0.69
N ILE C 130 -27.55 25.18 0.02
CA ILE C 130 -27.74 25.65 1.38
C ILE C 130 -27.65 27.17 1.39
N LEU C 131 -28.66 27.81 1.98
CA LEU C 131 -28.77 29.25 1.91
C LEU C 131 -27.81 29.94 2.89
N ARG C 132 -27.41 31.16 2.52
CA ARG C 132 -26.66 32.04 3.41
C ARG C 132 -27.41 32.18 4.72
N GLY C 133 -26.84 31.66 5.80
CA GLY C 133 -27.48 31.79 7.10
C GLY C 133 -28.30 30.58 7.51
N GLU C 134 -27.77 29.38 7.27
CA GLU C 134 -28.45 28.15 7.61
C GLU C 134 -27.53 27.25 8.43
N GLU C 135 -28.08 26.60 9.45
CA GLU C 135 -27.27 25.72 10.28
C GLU C 135 -26.91 24.45 9.51
N LEU C 136 -25.63 24.10 9.52
CA LEU C 136 -25.17 22.88 8.86
C LEU C 136 -25.37 21.69 9.78
N THR C 137 -25.94 20.61 9.24
CA THR C 137 -26.20 19.41 10.01
C THR C 137 -25.78 18.20 9.19
N TYR C 138 -25.37 17.13 9.87
CA TYR C 138 -25.14 15.85 9.23
C TYR C 138 -25.60 14.73 10.15
N ASP C 139 -25.88 13.58 9.55
CA ASP C 139 -26.34 12.40 10.29
C ASP C 139 -25.15 11.76 10.99
N TYR C 140 -25.12 11.85 12.32
CA TYR C 140 -24.02 11.28 13.10
C TYR C 140 -23.90 9.77 12.89
N LYS C 141 -25.04 9.10 12.66
CA LYS C 141 -25.07 7.65 12.50
C LYS C 141 -24.41 6.95 13.68
N PHE C 142 -24.74 7.39 14.88
CA PHE C 142 -24.25 6.77 16.09
C PHE C 142 -24.64 5.29 16.13
N PRO C 143 -23.83 4.45 16.76
CA PRO C 143 -24.28 3.08 17.04
C PRO C 143 -25.43 3.10 18.04
N ILE C 144 -26.50 2.38 17.71
CA ILE C 144 -27.69 2.41 18.54
C ILE C 144 -27.39 1.77 19.89
N GLU C 145 -27.75 2.46 20.96
CA GLU C 145 -27.46 2.02 22.31
C GLU C 145 -28.72 1.92 23.15
N SER C 148 -33.34 2.78 28.19
CA SER C 148 -31.99 2.30 27.97
C SER C 148 -30.95 3.36 28.31
N ASN C 149 -29.95 3.51 27.45
CA ASN C 149 -28.83 4.42 27.65
C ASN C 149 -28.77 5.45 26.53
N LYS C 150 -29.92 5.91 26.08
CA LYS C 150 -30.05 6.69 24.86
C LYS C 150 -29.81 8.18 25.11
N LEU C 151 -29.51 8.90 24.02
CA LEU C 151 -29.39 10.35 23.96
C LEU C 151 -30.60 10.91 23.23
N PRO C 152 -31.31 11.89 23.80
CA PRO C 152 -32.46 12.46 23.11
C PRO C 152 -32.05 13.48 22.06
N CYS C 153 -32.85 13.58 21.01
CA CYS C 153 -32.59 14.44 19.86
C CYS C 153 -33.64 15.53 19.74
N ASN C 154 -33.19 16.74 19.45
CA ASN C 154 -34.04 17.90 19.22
C ASN C 154 -33.76 18.48 17.84
N CYS C 155 -33.75 17.61 16.83
CA CYS C 155 -33.46 18.04 15.48
C CYS C 155 -34.54 18.93 14.90
N GLY C 156 -35.77 18.84 15.39
CA GLY C 156 -36.88 19.59 14.85
C GLY C 156 -37.42 19.05 13.54
N ALA C 157 -36.88 17.95 13.03
CA ALA C 157 -37.32 17.40 11.76
C ALA C 157 -38.66 16.69 11.91
N LYS C 158 -39.41 16.65 10.80
CA LYS C 158 -40.76 16.11 10.75
C LYS C 158 -40.79 14.58 10.80
N ARG C 159 -39.62 13.94 10.80
CA ARG C 159 -39.48 12.48 10.82
C ARG C 159 -38.29 12.08 11.69
N CYS C 160 -38.02 12.84 12.74
CA CYS C 160 -36.88 12.60 13.61
C CYS C 160 -37.13 11.38 14.51
N ARG C 161 -36.12 10.53 14.62
CA ARG C 161 -36.20 9.31 15.41
C ARG C 161 -36.08 9.57 16.91
N ARG C 162 -36.04 10.84 17.31
CA ARG C 162 -36.14 11.25 18.71
C ARG C 162 -34.89 10.93 19.53
N PHE C 163 -33.92 10.24 18.93
CA PHE C 163 -32.73 9.84 19.67
C PHE C 163 -31.53 9.77 18.73
N LEU C 164 -30.40 10.31 19.21
CA LEU C 164 -29.15 10.20 18.47
C LEU C 164 -28.69 8.76 18.34
N ASN C 165 -29.18 7.87 19.19
CA ASN C 165 -28.84 6.45 19.12
C ASN C 165 -30.03 5.59 19.53
N ARG D 2 2.18 -27.25 6.59
CA ARG D 2 3.24 -26.84 7.54
C ARG D 2 2.78 -25.56 8.24
N VAL D 3 3.41 -25.22 9.34
CA VAL D 3 2.92 -24.08 10.14
C VAL D 3 4.06 -23.10 10.43
N LEU D 4 3.74 -21.79 10.46
CA LEU D 4 4.62 -20.63 10.77
C LEU D 4 3.77 -19.35 10.85
N LEU D 5 4.37 -18.15 10.96
CA LEU D 5 3.59 -16.89 11.16
C LEU D 5 2.49 -16.74 10.12
N ALA D 6 1.28 -16.46 10.56
CA ALA D 6 0.16 -16.35 9.63
C ALA D 6 0.27 -14.99 8.95
N LEU D 7 0.04 -14.91 7.66
CA LEU D 7 0.11 -13.58 7.05
C LEU D 7 -1.31 -13.06 6.83
N HIS D 8 -2.29 -13.73 7.41
CA HIS D 8 -3.70 -13.29 7.34
C HIS D 8 -4.25 -12.96 8.73
N ASP D 9 -3.57 -13.41 9.79
CA ASP D 9 -4.02 -13.17 11.18
C ASP D 9 -2.91 -12.43 11.89
N ARG D 10 -2.83 -11.16 11.59
CA ARG D 10 -1.78 -10.24 12.08
C ARG D 10 -2.27 -8.81 11.91
N ALA D 11 -1.58 -7.86 12.53
CA ALA D 11 -1.89 -6.45 12.27
C ALA D 11 -1.17 -6.07 10.98
N PRO D 12 -1.84 -5.46 9.99
CA PRO D 12 -1.27 -5.19 8.68
C PRO D 12 0.02 -4.38 8.69
N GLN D 13 0.17 -3.46 9.61
CA GLN D 13 1.37 -2.59 9.67
C GLN D 13 2.62 -3.41 9.88
N LEU D 14 2.53 -4.57 10.50
CA LEU D 14 3.77 -5.34 10.77
C LEU D 14 4.36 -5.85 9.47
N LYS D 15 5.67 -5.87 9.39
CA LYS D 15 6.29 -6.36 8.15
C LYS D 15 6.70 -7.80 8.38
N ILE D 16 6.16 -8.71 7.59
CA ILE D 16 6.41 -10.16 7.72
C ILE D 16 7.36 -10.57 6.58
N SER D 17 8.31 -11.44 6.87
CA SER D 17 9.29 -11.90 5.86
C SER D 17 8.63 -12.80 4.83
N ASP D 18 9.28 -12.95 3.68
CA ASP D 18 8.79 -13.80 2.58
C ASP D 18 8.73 -15.24 3.09
N ASP D 19 9.73 -15.66 3.87
CA ASP D 19 9.86 -16.98 4.54
C ASP D 19 8.83 -17.16 5.65
N ARG D 20 8.28 -16.07 6.19
CA ARG D 20 7.28 -16.02 7.30
C ARG D 20 7.87 -16.45 8.64
N LEU D 21 9.14 -16.11 8.91
CA LEU D 21 9.75 -16.46 10.21
C LEU D 21 10.31 -15.22 10.89
N THR D 22 10.25 -14.05 10.25
CA THR D 22 10.79 -12.81 10.87
C THR D 22 9.73 -11.73 10.82
N VAL D 23 9.75 -10.80 11.77
CA VAL D 23 8.75 -9.70 11.85
C VAL D 23 9.44 -8.42 12.29
N VAL D 24 9.05 -7.30 11.67
CA VAL D 24 9.56 -5.96 12.06
C VAL D 24 8.33 -5.18 12.53
N GLY D 25 8.40 -4.42 13.59
CA GLY D 25 7.14 -3.87 14.09
C GLY D 25 6.83 -2.43 13.72
N GLU D 26 5.67 -2.16 13.17
CA GLU D 26 5.40 -0.75 12.82
C GLU D 26 4.79 0.04 13.99
N LYS D 27 5.42 1.15 14.32
CA LYS D 27 4.97 2.12 15.33
C LYS D 27 4.42 1.46 16.58
N GLY D 28 3.17 1.75 16.92
CA GLY D 28 2.49 1.25 18.13
C GLY D 28 2.26 -0.24 18.14
N TYR D 29 2.12 -0.83 19.33
CA TYR D 29 1.95 -2.29 19.59
C TYR D 29 0.95 -2.95 18.67
N SER D 30 1.41 -4.00 18.01
CA SER D 30 0.62 -4.84 17.10
C SER D 30 1.04 -6.29 17.36
N MET D 31 0.16 -7.26 17.14
CA MET D 31 0.58 -8.63 17.48
C MET D 31 0.42 -9.54 16.28
N VAL D 32 1.37 -10.44 16.09
CA VAL D 32 1.28 -11.42 14.97
C VAL D 32 1.27 -12.83 15.55
N ARG D 33 0.26 -13.60 15.17
CA ARG D 33 0.04 -14.96 15.68
C ARG D 33 0.49 -15.96 14.64
N ALA D 34 0.90 -17.15 15.07
CA ALA D 34 1.32 -18.27 14.20
C ALA D 34 0.12 -19.00 13.64
N SER D 35 0.35 -19.82 12.63
CA SER D 35 -0.72 -20.56 11.92
C SER D 35 -1.36 -21.66 12.76
N HIS D 36 -0.60 -22.35 13.60
CA HIS D 36 -1.22 -23.46 14.38
C HIS D 36 -1.29 -23.15 15.87
N GLY D 37 -2.31 -23.68 16.53
CA GLY D 37 -2.49 -23.47 17.98
C GLY D 37 -2.77 -24.76 18.71
N VAL D 38 -2.09 -24.97 19.83
CA VAL D 38 -2.27 -26.19 20.63
C VAL D 38 -3.49 -26.08 21.52
N ARG D 39 -4.09 -27.24 21.82
CA ARG D 39 -5.16 -27.34 22.81
C ARG D 39 -4.91 -28.37 23.89
N LYS D 40 -4.08 -29.39 23.64
CA LYS D 40 -3.63 -30.33 24.66
C LYS D 40 -2.16 -30.67 24.43
N GLY D 41 -1.45 -30.97 25.52
CA GLY D 41 -0.05 -31.36 25.44
C GLY D 41 0.89 -30.26 25.92
N ALA D 42 2.18 -30.59 25.92
CA ALA D 42 3.23 -29.67 26.32
C ALA D 42 4.04 -29.29 25.09
N TRP D 43 4.16 -27.99 24.83
CA TRP D 43 4.72 -27.51 23.58
C TRP D 43 5.83 -26.52 23.85
N TYR D 44 6.48 -26.10 22.78
CA TYR D 44 7.66 -25.24 22.86
C TYR D 44 7.92 -24.64 21.49
N PHE D 45 8.47 -23.44 21.51
CA PHE D 45 9.01 -22.77 20.34
C PHE D 45 10.02 -21.76 20.84
N GLU D 46 10.75 -21.14 19.92
CA GLU D 46 11.79 -20.20 20.31
C GLU D 46 11.71 -18.93 19.49
N ILE D 47 12.04 -17.82 20.14
CA ILE D 47 12.10 -16.49 19.53
C ILE D 47 13.46 -15.90 19.84
N THR D 48 14.13 -15.38 18.82
CA THR D 48 15.41 -14.70 19.01
C THR D 48 15.29 -13.26 18.58
N VAL D 49 15.73 -12.35 19.45
CA VAL D 49 15.66 -10.91 19.20
C VAL D 49 16.87 -10.55 18.36
N ASP D 50 16.67 -10.37 17.05
CA ASP D 50 17.75 -9.94 16.17
C ASP D 50 18.23 -8.54 16.55
N GLU D 51 17.36 -7.55 16.43
CA GLU D 51 17.70 -6.15 16.63
C GLU D 51 16.63 -5.48 17.46
N MET D 52 17.04 -4.85 18.57
CA MET D 52 16.12 -4.07 19.41
C MET D 52 16.78 -2.75 19.77
N PRO D 53 16.38 -1.66 19.13
CA PRO D 53 17.00 -0.35 19.38
C PRO D 53 16.47 0.29 20.65
N PRO D 54 16.84 1.54 20.95
CA PRO D 54 16.22 2.23 22.08
C PRO D 54 14.81 2.68 21.75
N ASP D 55 14.03 2.90 22.82
CA ASP D 55 12.62 3.29 22.72
C ASP D 55 11.79 2.25 21.97
N THR D 56 12.18 0.99 22.09
CA THR D 56 11.46 -0.12 21.46
C THR D 56 11.39 -1.27 22.45
N ALA D 57 10.40 -2.14 22.28
CA ALA D 57 10.19 -3.22 23.23
C ALA D 57 9.34 -4.30 22.58
N ALA D 58 9.34 -5.47 23.22
CA ALA D 58 8.60 -6.63 22.76
C ALA D 58 7.81 -7.22 23.92
N ARG D 59 6.68 -7.84 23.60
CA ARG D 59 5.83 -8.52 24.58
C ARG D 59 5.40 -9.85 23.96
N LEU D 60 6.09 -10.92 24.30
CA LEU D 60 6.01 -12.19 23.59
C LEU D 60 5.41 -13.27 24.46
N GLY D 61 4.73 -14.23 23.82
CA GLY D 61 4.08 -15.30 24.54
C GLY D 61 3.05 -16.11 23.77
N TRP D 62 1.90 -16.35 24.40
CA TRP D 62 0.86 -17.24 23.87
C TRP D 62 -0.47 -16.50 23.80
N SER D 63 -1.23 -16.73 22.73
CA SER D 63 -2.52 -16.06 22.56
C SER D 63 -3.57 -17.01 22.00
N GLN D 64 -4.83 -16.71 22.34
CA GLN D 64 -6.00 -17.33 21.73
C GLN D 64 -6.39 -16.56 20.48
N PRO D 65 -7.31 -17.09 19.66
CA PRO D 65 -7.70 -16.34 18.44
C PRO D 65 -8.30 -14.97 18.71
N LEU D 66 -8.89 -14.75 19.87
CA LEU D 66 -9.58 -13.49 20.15
C LEU D 66 -8.68 -12.40 20.71
N GLY D 67 -7.41 -12.68 20.95
CA GLY D 67 -6.52 -11.64 21.42
C GLY D 67 -6.44 -10.52 20.39
N ASN D 68 -6.45 -9.28 20.87
CA ASN D 68 -6.50 -8.12 19.99
C ASN D 68 -5.17 -7.98 19.24
N LEU D 69 -5.26 -8.06 17.91
CA LEU D 69 -4.05 -7.92 17.09
C LEU D 69 -3.55 -6.48 17.07
N GLN D 70 -4.38 -5.51 17.45
CA GLN D 70 -4.01 -4.11 17.51
C GLN D 70 -3.58 -3.69 18.91
N ALA D 71 -3.22 -4.63 19.76
CA ALA D 71 -2.88 -4.40 21.15
C ALA D 71 -1.66 -5.20 21.50
N PRO D 72 -0.98 -4.88 22.61
CA PRO D 72 0.12 -5.73 23.08
C PRO D 72 -0.39 -7.11 23.44
N LEU D 73 0.51 -8.09 23.35
CA LEU D 73 0.17 -9.41 23.86
C LEU D 73 0.03 -9.33 25.38
N GLY D 74 -1.02 -9.96 25.89
CA GLY D 74 -1.38 -9.83 27.29
C GLY D 74 -2.31 -8.68 27.59
N TYR D 75 -2.86 -8.03 26.56
CA TYR D 75 -3.75 -6.89 26.76
C TYR D 75 -5.06 -7.30 27.41
N ASP D 76 -5.60 -8.44 27.01
CA ASP D 76 -6.93 -8.87 27.44
C ASP D 76 -6.84 -10.27 28.04
N LYS D 77 -8.00 -10.91 28.24
CA LYS D 77 -8.12 -12.24 28.82
C LYS D 77 -7.58 -13.35 27.90
N PHE D 78 -7.10 -13.01 26.71
CA PHE D 78 -6.80 -14.02 25.69
C PHE D 78 -5.31 -14.26 25.47
N SER D 79 -4.43 -13.46 26.05
CA SER D 79 -3.00 -13.60 25.82
C SER D 79 -2.24 -13.42 27.12
N TYR D 80 -1.08 -14.07 27.20
CA TYR D 80 -0.14 -13.96 28.32
C TYR D 80 1.23 -13.69 27.72
N SER D 81 1.90 -12.64 28.18
CA SER D 81 3.12 -12.21 27.51
C SER D 81 4.23 -11.89 28.49
N TRP D 82 5.41 -11.65 27.92
CA TRP D 82 6.65 -11.35 28.62
C TRP D 82 7.29 -10.15 27.93
N ARG D 83 7.45 -9.06 28.65
CA ARG D 83 7.93 -7.82 28.04
C ARG D 83 9.46 -7.76 28.08
N SER D 84 10.06 -7.39 26.94
CA SER D 84 11.51 -7.23 26.87
C SER D 84 11.99 -6.21 27.89
N LYS D 85 11.32 -5.06 27.96
CA LYS D 85 11.66 -4.06 28.97
C LYS D 85 11.18 -4.54 30.33
N LYS D 86 12.14 -4.71 31.26
CA LYS D 86 11.93 -5.00 32.67
C LYS D 86 11.50 -6.43 32.96
N GLY D 87 11.32 -7.28 31.95
CA GLY D 87 10.96 -8.66 32.20
C GLY D 87 9.59 -8.87 32.79
N THR D 88 8.69 -7.90 32.63
CA THR D 88 7.34 -8.00 33.18
C THR D 88 6.52 -9.04 32.42
N LYS D 89 5.62 -9.70 33.13
CA LYS D 89 4.65 -10.62 32.53
C LYS D 89 3.27 -9.97 32.59
N PHE D 90 2.56 -9.99 31.47
CA PHE D 90 1.33 -9.24 31.31
C PHE D 90 0.15 -10.16 31.05
N HIS D 91 -0.94 -9.94 31.79
CA HIS D 91 -2.21 -10.59 31.52
C HIS D 91 -3.31 -9.64 31.96
N GLN D 92 -4.28 -9.42 31.07
CA GLN D 92 -5.35 -8.44 31.29
C GLN D 92 -4.77 -7.04 31.54
N SER D 93 -3.67 -6.71 30.87
CA SER D 93 -2.99 -5.42 30.91
C SER D 93 -2.45 -5.07 32.29
N ILE D 94 -2.32 -6.04 33.19
CA ILE D 94 -1.72 -5.83 34.50
C ILE D 94 -0.32 -6.42 34.46
N GLY D 95 0.68 -5.61 34.82
CA GLY D 95 2.06 -6.05 34.76
C GLY D 95 2.62 -6.51 36.09
N LYS D 96 2.83 -7.83 36.24
CA LYS D 96 3.31 -8.41 37.47
C LYS D 96 4.79 -8.74 37.36
N HIS D 97 5.55 -8.52 38.43
CA HIS D 97 6.98 -8.84 38.41
C HIS D 97 7.19 -10.32 38.08
N TYR D 98 8.00 -10.58 37.05
CA TYR D 98 8.35 -11.96 36.74
C TYR D 98 9.86 -12.24 36.73
N SER D 99 10.59 -11.48 35.93
CA SER D 99 11.99 -11.79 35.64
C SER D 99 12.76 -10.50 35.38
N SER D 100 14.07 -10.63 35.23
CA SER D 100 14.85 -9.50 34.74
C SER D 100 14.63 -9.35 33.24
N GLY D 101 14.89 -8.15 32.74
CA GLY D 101 14.60 -7.85 31.36
C GLY D 101 15.52 -8.60 30.41
N TYR D 102 15.04 -8.79 29.19
CA TYR D 102 15.83 -9.33 28.08
C TYR D 102 15.86 -8.30 26.96
N GLY D 103 16.74 -8.52 26.01
CA GLY D 103 16.94 -7.54 24.94
C GLY D 103 17.55 -8.12 23.68
N GLN D 104 18.38 -7.31 23.04
CA GLN D 104 18.94 -7.67 21.74
C GLN D 104 19.93 -8.82 21.86
N GLY D 105 19.82 -9.78 20.94
CA GLY D 105 20.75 -10.88 20.85
C GLY D 105 20.34 -12.13 21.60
N ASP D 106 19.28 -12.08 22.41
CA ASP D 106 18.88 -13.21 23.23
C ASP D 106 17.96 -14.15 22.46
N VAL D 107 17.98 -15.42 22.85
CA VAL D 107 17.07 -16.43 22.33
C VAL D 107 16.16 -16.86 23.48
N LEU D 108 14.85 -16.85 23.23
CA LEU D 108 13.88 -17.07 24.29
C LEU D 108 12.98 -18.25 23.93
N GLY D 109 12.68 -19.07 24.94
CA GLY D 109 11.85 -20.24 24.75
C GLY D 109 10.52 -20.05 25.48
N PHE D 110 9.49 -20.73 24.96
CA PHE D 110 8.12 -20.54 25.45
C PHE D 110 7.46 -21.91 25.62
N TYR D 111 7.15 -22.26 26.86
CA TYR D 111 6.57 -23.54 27.21
C TYR D 111 5.14 -23.35 27.69
N ILE D 112 4.24 -24.24 27.27
CA ILE D 112 2.86 -24.25 27.74
C ILE D 112 2.44 -25.71 27.88
N ASN D 113 1.56 -25.97 28.85
CA ASN D 113 1.07 -27.32 29.11
C ASN D 113 -0.43 -27.23 29.40
N LEU D 114 -1.22 -27.97 28.63
CA LEU D 114 -2.68 -28.02 28.76
C LEU D 114 -3.09 -29.46 29.04
N PRO D 115 -2.86 -29.94 30.27
CA PRO D 115 -3.02 -31.37 30.54
C PRO D 115 -4.44 -31.87 30.32
N GLU D 116 -4.56 -32.99 29.62
CA GLU D 116 -5.84 -33.61 29.34
C GLU D 116 -6.37 -34.36 30.56
N ASP D 117 -7.67 -34.62 30.57
CA ASP D 117 -8.29 -35.32 31.68
C ASP D 117 -7.77 -36.75 31.77
N THR D 118 -7.65 -37.25 32.99
CA THR D 118 -7.20 -38.62 33.23
C THR D 118 -8.13 -39.33 34.21
N GLY D 121 -8.52 -36.26 37.66
CA GLY D 121 -9.36 -35.46 36.80
C GLY D 121 -8.61 -34.35 36.08
N ARG D 122 -8.98 -33.10 36.38
CA ARG D 122 -8.41 -31.96 35.70
C ARG D 122 -6.99 -31.66 36.18
N GLY D 123 -6.09 -31.43 35.23
CA GLY D 123 -4.74 -31.00 35.53
C GLY D 123 -4.64 -29.50 35.61
N SER D 124 -3.41 -29.01 35.68
CA SER D 124 -3.12 -27.59 35.87
C SER D 124 -2.42 -27.00 34.65
N SER D 125 -3.04 -25.98 34.05
CA SER D 125 -2.38 -25.23 33.00
C SER D 125 -1.17 -24.50 33.56
N GLU D 126 -0.09 -24.44 32.78
CA GLU D 126 1.03 -23.61 33.20
C GLU D 126 1.89 -23.22 32.01
N ILE D 127 2.47 -22.02 32.10
CA ILE D 127 3.28 -21.40 31.07
C ILE D 127 4.63 -21.05 31.68
N ILE D 128 5.70 -21.33 30.93
CA ILE D 128 7.06 -21.04 31.39
C ILE D 128 7.86 -20.44 30.26
N PHE D 129 8.65 -19.41 30.57
CA PHE D 129 9.56 -18.78 29.63
C PHE D 129 10.99 -19.13 29.97
N TYR D 130 11.83 -19.13 28.94
CA TYR D 130 13.26 -19.39 29.08
C TYR D 130 14.03 -18.23 28.47
N LYS D 131 15.00 -17.70 29.20
CA LYS D 131 15.92 -16.70 28.66
C LYS D 131 17.24 -17.39 28.34
N ASN D 132 17.46 -17.69 27.06
CA ASN D 132 18.60 -18.49 26.66
C ASN D 132 18.70 -19.73 27.55
N GLY D 133 17.68 -20.59 27.43
CA GLY D 133 17.69 -21.89 28.04
C GLY D 133 17.67 -21.91 29.55
N VAL D 134 17.61 -20.76 30.23
CA VAL D 134 17.53 -20.75 31.69
C VAL D 134 16.09 -20.52 32.09
N ASN D 135 15.58 -21.40 32.95
CA ASN D 135 14.20 -21.37 33.43
C ASN D 135 14.00 -20.13 34.29
N GLN D 136 13.29 -19.14 33.77
CA GLN D 136 13.01 -17.93 34.56
C GLN D 136 11.84 -18.11 35.51
N GLY D 137 11.12 -19.23 35.43
CA GLY D 137 10.12 -19.61 36.41
C GLY D 137 8.80 -19.96 35.77
N VAL D 138 7.80 -20.24 36.60
CA VAL D 138 6.44 -20.48 36.15
C VAL D 138 5.76 -19.12 36.06
N ALA D 139 5.45 -18.68 34.84
CA ALA D 139 4.90 -17.34 34.64
C ALA D 139 3.45 -17.28 35.09
N TYR D 140 2.62 -18.23 34.64
CA TYR D 140 1.21 -18.25 34.97
C TYR D 140 0.78 -19.70 35.21
N LYS D 141 -0.32 -19.87 35.95
CA LYS D 141 -0.85 -21.18 36.27
C LYS D 141 -2.36 -21.15 36.18
N ASP D 142 -2.94 -22.27 35.77
CA ASP D 142 -4.39 -22.43 35.60
C ASP D 142 -4.96 -21.30 34.74
N ILE D 143 -4.37 -21.15 33.55
CA ILE D 143 -4.83 -20.17 32.57
C ILE D 143 -6.17 -20.61 32.01
N PHE D 144 -6.84 -19.72 31.29
CA PHE D 144 -8.12 -20.08 30.69
C PHE D 144 -7.93 -21.21 29.69
N GLU D 145 -8.81 -22.21 29.76
CA GLU D 145 -8.70 -23.36 28.88
C GLU D 145 -9.17 -23.01 27.48
N GLY D 146 -8.38 -23.37 26.48
CA GLY D 146 -8.71 -23.01 25.12
C GLY D 146 -7.52 -23.28 24.20
N VAL D 147 -7.61 -22.71 23.00
CA VAL D 147 -6.59 -22.89 21.98
C VAL D 147 -5.58 -21.76 22.11
N TYR D 148 -4.29 -22.11 22.13
CA TYR D 148 -3.22 -21.14 22.31
C TYR D 148 -2.27 -21.20 21.12
N PHE D 149 -1.99 -20.03 20.54
CA PHE D 149 -1.12 -19.87 19.40
C PHE D 149 0.09 -19.03 19.80
N PRO D 150 1.29 -19.42 19.37
CA PRO D 150 2.45 -18.53 19.54
C PRO D 150 2.17 -17.17 18.94
N ALA D 151 2.54 -16.12 19.68
CA ALA D 151 2.25 -14.77 19.24
C ALA D 151 3.38 -13.83 19.63
N ILE D 152 3.66 -12.88 18.75
CA ILE D 152 4.69 -11.83 19.01
C ILE D 152 3.99 -10.49 18.92
N SER D 153 4.36 -9.57 19.79
CA SER D 153 3.80 -8.21 19.71
C SER D 153 4.99 -7.29 19.73
N LEU D 154 5.13 -6.42 18.74
CA LEU D 154 6.30 -5.53 18.79
C LEU D 154 5.82 -4.09 18.87
N TYR D 155 6.66 -3.24 19.42
CA TYR D 155 6.42 -1.79 19.50
C TYR D 155 7.63 -1.08 18.91
N LYS D 156 7.38 -0.19 17.96
CA LYS D 156 8.39 0.72 17.36
C LYS D 156 9.60 0.13 16.63
N SER D 157 9.41 -0.50 15.48
CA SER D 157 10.55 -0.82 14.56
C SER D 157 11.59 -1.79 15.08
N CYS D 158 11.27 -2.65 16.04
CA CYS D 158 12.26 -3.65 16.49
C CYS D 158 11.98 -4.95 15.76
N THR D 159 12.98 -5.83 15.67
CA THR D 159 12.85 -7.06 14.84
C THR D 159 13.16 -8.31 15.63
N VAL D 160 12.36 -9.35 15.45
CA VAL D 160 12.57 -10.62 16.21
C VAL D 160 12.41 -11.80 15.27
N SER D 161 13.01 -12.94 15.60
CA SER D 161 12.84 -14.12 14.72
C SER D 161 12.29 -15.30 15.52
N ILE D 162 11.31 -16.01 14.97
CA ILE D 162 10.71 -17.17 15.64
C ILE D 162 11.46 -18.44 15.24
N ASN D 163 11.20 -19.54 15.96
CA ASN D 163 11.89 -20.80 15.70
C ASN D 163 10.95 -22.01 15.83
N PHE D 164 9.65 -21.81 15.74
CA PHE D 164 8.67 -22.84 16.06
C PHE D 164 8.92 -24.18 15.36
N PRO D 166 11.22 -27.48 14.54
CA PRO D 166 11.51 -28.57 15.45
C PRO D 166 12.99 -28.65 15.82
N CYS D 167 13.83 -27.94 15.06
CA CYS D 167 15.28 -27.92 15.26
C CYS D 167 15.61 -26.83 16.27
N PHE D 168 15.41 -27.17 17.54
CA PHE D 168 15.53 -26.16 18.59
C PHE D 168 17.00 -25.90 18.91
N LYS D 169 17.33 -24.61 18.97
CA LYS D 169 18.73 -24.18 19.04
C LYS D 169 19.20 -24.00 20.47
N TYR D 170 18.33 -24.25 21.43
CA TYR D 170 18.68 -23.97 22.82
C TYR D 170 17.79 -24.77 23.77
N PRO D 171 17.74 -26.10 23.68
CA PRO D 171 16.64 -26.86 24.29
C PRO D 171 16.67 -26.79 25.81
N PRO D 172 15.52 -26.95 26.45
CA PRO D 172 15.47 -26.95 27.92
C PRO D 172 16.23 -28.13 28.49
N LYS D 173 17.13 -27.84 29.43
CA LYS D 173 17.90 -28.89 30.08
C LYS D 173 17.02 -29.82 30.90
N ASP D 174 15.95 -29.29 31.51
CA ASP D 174 15.23 -29.96 32.58
C ASP D 174 13.81 -30.36 32.23
N LEU D 175 13.37 -30.18 30.99
CA LEU D 175 11.94 -30.07 30.72
C LEU D 175 11.54 -30.89 29.49
N THR D 176 10.35 -31.48 29.55
CA THR D 176 9.80 -32.34 28.51
C THR D 176 8.79 -31.55 27.67
N TYR D 177 8.75 -31.81 26.36
CA TYR D 177 7.91 -31.02 25.47
C TYR D 177 7.83 -31.67 24.09
N ARG D 178 6.92 -31.13 23.27
CA ARG D 178 6.79 -31.44 21.85
C ARG D 178 6.79 -30.15 21.05
N PRO D 179 7.71 -29.98 20.10
CA PRO D 179 7.78 -28.71 19.35
C PRO D 179 6.47 -28.37 18.64
N MET D 180 6.26 -27.08 18.40
CA MET D 180 5.06 -26.63 17.70
C MET D 180 5.00 -27.16 16.28
N SER D 181 6.16 -27.47 15.70
CA SER D 181 6.18 -27.90 14.31
C SER D 181 5.41 -29.20 14.09
N ASP D 182 5.23 -30.00 15.14
CA ASP D 182 4.71 -31.35 14.98
C ASP D 182 3.24 -31.37 14.56
N MET D 183 2.49 -30.32 14.84
CA MET D 183 1.09 -30.24 14.42
C MET D 183 0.94 -29.71 13.00
N PHE E 7 -9.88 -14.48 -30.84
CA PHE E 7 -9.20 -14.05 -29.62
C PHE E 7 -9.90 -14.64 -28.40
N LYS E 8 -9.10 -15.18 -27.47
CA LYS E 8 -9.66 -15.74 -26.25
C LYS E 8 -10.24 -14.63 -25.38
N GLU E 9 -11.34 -14.93 -24.71
CA GLU E 9 -12.08 -13.94 -23.94
C GLU E 9 -11.95 -14.19 -22.45
N LEU E 10 -11.73 -13.11 -21.70
CA LEU E 10 -11.29 -13.16 -20.31
C LEU E 10 -12.47 -13.10 -19.34
N ASP E 11 -12.19 -13.39 -18.07
CA ASP E 11 -13.19 -13.37 -17.01
C ASP E 11 -12.94 -12.26 -16.01
N GLU E 12 -11.78 -12.27 -15.37
CA GLU E 12 -11.31 -11.17 -14.53
C GLU E 12 -10.09 -10.57 -15.22
N ASN E 13 -9.45 -9.62 -14.55
CA ASN E 13 -8.19 -9.11 -15.07
C ASN E 13 -7.08 -10.10 -14.78
N VAL E 14 -6.13 -10.18 -15.70
CA VAL E 14 -4.98 -11.08 -15.57
C VAL E 14 -3.72 -10.23 -15.66
N GLU E 15 -2.93 -10.25 -14.59
CA GLU E 15 -1.67 -9.52 -14.58
C GLU E 15 -0.68 -10.17 -15.54
N TYR E 16 -0.14 -9.38 -16.45
CA TYR E 16 0.92 -9.86 -17.32
C TYR E 16 2.17 -10.17 -16.51
N GLU E 17 2.84 -11.26 -16.85
CA GLU E 17 4.11 -11.63 -16.22
C GLU E 17 5.21 -11.39 -17.23
N GLU E 18 5.98 -10.33 -17.01
CA GLU E 18 7.06 -9.97 -17.93
C GLU E 18 8.17 -11.02 -17.88
N ARG E 19 8.98 -11.03 -18.94
CA ARG E 19 10.20 -11.80 -18.97
C ARG E 19 11.40 -10.85 -19.00
N GLU E 20 12.60 -11.42 -18.89
CA GLU E 20 13.80 -10.61 -18.78
C GLU E 20 14.09 -9.83 -20.07
N SER E 21 13.67 -10.36 -21.22
CA SER E 21 13.90 -9.71 -22.51
C SER E 21 12.66 -8.94 -22.99
N GLU E 22 11.79 -8.52 -22.08
CA GLU E 22 10.53 -7.91 -22.45
C GLU E 22 10.72 -6.56 -23.16
N PHE E 23 11.84 -5.88 -22.92
CA PHE E 23 12.08 -4.57 -23.49
C PHE E 23 13.09 -4.57 -24.63
N ASP E 24 13.63 -5.73 -24.99
CA ASP E 24 14.79 -5.82 -25.86
C ASP E 24 14.38 -6.00 -27.32
N ILE E 25 15.10 -5.32 -28.20
CA ILE E 25 14.94 -5.49 -29.64
C ILE E 25 15.62 -6.79 -30.06
N GLU E 26 14.87 -7.68 -30.68
CA GLU E 26 15.43 -8.94 -31.17
C GLU E 26 15.66 -8.89 -32.67
N LYS F 8 -7.45 23.63 22.02
CA LYS F 8 -6.49 23.73 20.92
C LYS F 8 -7.19 23.48 19.58
N GLU F 9 -6.90 24.32 18.60
CA GLU F 9 -7.49 24.21 17.27
C GLU F 9 -6.38 24.05 16.24
N LEU F 10 -6.40 22.95 15.50
CA LEU F 10 -5.27 22.53 14.69
C LEU F 10 -5.45 22.86 13.21
N ASP F 11 -4.33 23.19 12.55
CA ASP F 11 -4.30 23.34 11.10
C ASP F 11 -4.85 22.10 10.42
N GLU F 12 -4.19 20.96 10.63
CA GLU F 12 -4.45 19.73 9.89
C GLU F 12 -4.69 18.56 10.85
N ASN F 13 -4.67 17.34 10.30
CA ASN F 13 -4.70 16.15 11.14
C ASN F 13 -3.31 15.88 11.70
N VAL F 14 -3.28 15.36 12.94
CA VAL F 14 -2.04 15.04 13.62
C VAL F 14 -2.14 13.61 14.13
N GLU F 15 -1.13 12.80 13.81
CA GLU F 15 -1.10 11.42 14.27
C GLU F 15 -0.63 11.35 15.71
N TYR F 16 -1.34 10.56 16.51
CA TYR F 16 -0.94 10.34 17.89
C TYR F 16 0.36 9.54 17.95
N GLU F 17 1.21 9.89 18.92
CA GLU F 17 2.45 9.16 19.17
C GLU F 17 2.25 8.32 20.41
N GLU F 18 2.06 7.02 20.22
CA GLU F 18 1.76 6.12 21.32
C GLU F 18 3.00 5.87 22.17
N ARG F 19 2.78 5.71 23.46
CA ARG F 19 3.83 5.28 24.37
C ARG F 19 3.90 3.75 24.40
N GLU F 20 4.96 3.23 25.01
CA GLU F 20 5.05 1.79 25.19
C GLU F 20 4.04 1.29 26.21
N SER F 21 3.69 2.13 27.19
CA SER F 21 2.73 1.78 28.23
C SER F 21 1.32 2.25 27.90
N GLU F 22 0.98 2.38 26.62
CA GLU F 22 -0.29 2.99 26.23
C GLU F 22 -1.48 2.16 26.67
N PHE F 23 -1.36 0.83 26.63
CA PHE F 23 -2.46 -0.07 26.92
C PHE F 23 -2.44 -0.63 28.34
N ASP F 24 -1.50 -0.19 29.18
CA ASP F 24 -1.24 -0.84 30.46
C ASP F 24 -1.84 -0.07 31.62
N ILE F 25 -2.55 -0.78 32.50
CA ILE F 25 -3.12 -0.17 33.69
C ILE F 25 -2.02 0.12 34.70
N GLU F 26 -2.09 1.30 35.32
CA GLU F 26 -1.09 1.70 36.30
C GLU F 26 -1.74 2.19 37.59
#